data_1PX9
# 
_entry.id   1PX9 
# 
_audit_conform.dict_name       mmcif_pdbx.dic 
_audit_conform.dict_version    5.398 
_audit_conform.dict_location   http://mmcif.pdb.org/dictionaries/ascii/mmcif_pdbx.dic 
# 
loop_
_database_2.database_id 
_database_2.database_code 
_database_2.pdbx_database_accession 
_database_2.pdbx_DOI 
PDB   1PX9         pdb_00001px9 10.2210/pdb1px9/pdb 
RCSB  RCSB019663   ?            ?                   
WWPDB D_1000019663 ?            ?                   
# 
loop_
_pdbx_audit_revision_history.ordinal 
_pdbx_audit_revision_history.data_content_type 
_pdbx_audit_revision_history.major_revision 
_pdbx_audit_revision_history.minor_revision 
_pdbx_audit_revision_history.revision_date 
1 'Structure model' 1 0 2004-06-22 
2 'Structure model' 1 1 2008-04-29 
3 'Structure model' 1 2 2011-07-13 
4 'Structure model' 1 3 2022-03-02 
5 'Structure model' 1 4 2024-10-30 
# 
_pdbx_audit_revision_details.ordinal             1 
_pdbx_audit_revision_details.revision_ordinal    1 
_pdbx_audit_revision_details.data_content_type   'Structure model' 
_pdbx_audit_revision_details.provider            repository 
_pdbx_audit_revision_details.type                'Initial release' 
_pdbx_audit_revision_details.description         ? 
_pdbx_audit_revision_details.details             ? 
# 
loop_
_pdbx_audit_revision_group.ordinal 
_pdbx_audit_revision_group.revision_ordinal 
_pdbx_audit_revision_group.data_content_type 
_pdbx_audit_revision_group.group 
1 2 'Structure model' 'Version format compliance' 
2 3 'Structure model' 'Version format compliance' 
3 4 'Structure model' 'Data collection'           
4 4 'Structure model' 'Database references'       
5 4 'Structure model' 'Derived calculations'      
6 5 'Structure model' 'Data collection'           
7 5 'Structure model' 'Structure summary'         
# 
loop_
_pdbx_audit_revision_category.ordinal 
_pdbx_audit_revision_category.revision_ordinal 
_pdbx_audit_revision_category.data_content_type 
_pdbx_audit_revision_category.category 
1 4 'Structure model' database_2                
2 4 'Structure model' pdbx_nmr_software         
3 4 'Structure model' pdbx_struct_assembly      
4 4 'Structure model' pdbx_struct_oper_list     
5 5 'Structure model' chem_comp_atom            
6 5 'Structure model' chem_comp_bond            
7 5 'Structure model' pdbx_entry_details        
8 5 'Structure model' pdbx_modification_feature 
# 
loop_
_pdbx_audit_revision_item.ordinal 
_pdbx_audit_revision_item.revision_ordinal 
_pdbx_audit_revision_item.data_content_type 
_pdbx_audit_revision_item.item 
1 4 'Structure model' '_database_2.pdbx_DOI'                
2 4 'Structure model' '_database_2.pdbx_database_accession' 
3 4 'Structure model' '_pdbx_nmr_software.name'             
# 
_pdbx_database_status.status_code                     REL 
_pdbx_database_status.entry_id                        1PX9 
_pdbx_database_status.recvd_initial_deposition_date   2003-07-03 
_pdbx_database_status.deposit_site                    RCSB 
_pdbx_database_status.process_site                    RCSB 
_pdbx_database_status.SG_entry                        . 
_pdbx_database_status.pdb_format_compatible           Y 
_pdbx_database_status.status_code_mr                  ? 
_pdbx_database_status.status_code_sf                  ? 
_pdbx_database_status.status_code_cs                  ? 
_pdbx_database_status.status_code_nmr_data            ? 
_pdbx_database_status.methods_development_category    ? 
# 
loop_
_audit_author.name 
_audit_author.pdbx_ordinal 
'Frenal, K.'     1 
'Wecker, K.'     2 
'Gurrola, G.B.'  3 
'Possani, L.D.'  4 
'Wolff, N.'      5 
'Delepierre, M.' 6 
# 
_citation.id                        primary 
_citation.title                     
'Exploring structural features of the interaction between the scorpion toxinCnErg1 and ERG K+ channels.' 
_citation.journal_abbrev            Proteins 
_citation.journal_volume            56 
_citation.page_first                367 
_citation.page_last                 375 
_citation.year                      2004 
_citation.journal_id_ASTM           PSFGEY 
_citation.country                   US 
_citation.journal_id_ISSN           0887-3585 
_citation.journal_id_CSD            0867 
_citation.book_publisher            ? 
_citation.pdbx_database_id_PubMed   15211519 
_citation.pdbx_database_id_DOI      10.1002/prot.20102 
# 
loop_
_citation_author.citation_id 
_citation_author.name 
_citation_author.ordinal 
_citation_author.identifier_ORCID 
primary 'Frenal, K.'     1  ? 
primary 'Xu, C.Q.'       2  ? 
primary 'Wolff, N.'      3  ? 
primary 'Wecker, K.'     4  ? 
primary 'Gurrola, G.B.'  5  ? 
primary 'Zhu, S.Y.'      6  ? 
primary 'Chi, C.W.'      7  ? 
primary 'Possani, L.D.'  8  ? 
primary 'Tytgat, J.'     9  ? 
primary 'Delepierre, M.' 10 ? 
# 
_entity.id                         1 
_entity.type                       polymer 
_entity.src_method                 nat 
_entity.pdbx_description           ergtoxin 
_entity.formula_weight             4746.415 
_entity.pdbx_number_of_molecules   1 
_entity.pdbx_ec                    ? 
_entity.pdbx_mutation              ? 
_entity.pdbx_fragment              ? 
_entity.details                    ? 
# 
_entity_poly.entity_id                      1 
_entity_poly.type                           'polypeptide(L)' 
_entity_poly.nstd_linkage                   no 
_entity_poly.nstd_monomer                   no 
_entity_poly.pdbx_seq_one_letter_code       DRDSCVDKSRCAKYGYYQECQDCCKNAGHNGGTCMFFKCKCA 
_entity_poly.pdbx_seq_one_letter_code_can   DRDSCVDKSRCAKYGYYQECQDCCKNAGHNGGTCMFFKCKCA 
_entity_poly.pdbx_strand_id                 A 
_entity_poly.pdbx_target_identifier         ? 
# 
loop_
_entity_poly_seq.entity_id 
_entity_poly_seq.num 
_entity_poly_seq.mon_id 
_entity_poly_seq.hetero 
1 1  ASP n 
1 2  ARG n 
1 3  ASP n 
1 4  SER n 
1 5  CYS n 
1 6  VAL n 
1 7  ASP n 
1 8  LYS n 
1 9  SER n 
1 10 ARG n 
1 11 CYS n 
1 12 ALA n 
1 13 LYS n 
1 14 TYR n 
1 15 GLY n 
1 16 TYR n 
1 17 TYR n 
1 18 GLN n 
1 19 GLU n 
1 20 CYS n 
1 21 GLN n 
1 22 ASP n 
1 23 CYS n 
1 24 CYS n 
1 25 LYS n 
1 26 ASN n 
1 27 ALA n 
1 28 GLY n 
1 29 HIS n 
1 30 ASN n 
1 31 GLY n 
1 32 GLY n 
1 33 THR n 
1 34 CYS n 
1 35 MET n 
1 36 PHE n 
1 37 PHE n 
1 38 LYS n 
1 39 CYS n 
1 40 LYS n 
1 41 CYS n 
1 42 ALA n 
# 
_entity_src_nat.entity_id                  1 
_entity_src_nat.pdbx_src_id                1 
_entity_src_nat.pdbx_alt_source_flag       sample 
_entity_src_nat.pdbx_beg_seq_num           ? 
_entity_src_nat.pdbx_end_seq_num           ? 
_entity_src_nat.common_name                'Mexican scorpion' 
_entity_src_nat.pdbx_organism_scientific   'Centruroides noxius' 
_entity_src_nat.pdbx_ncbi_taxonomy_id      6878 
_entity_src_nat.genus                      Centruroides 
_entity_src_nat.species                    ? 
_entity_src_nat.strain                     ? 
_entity_src_nat.tissue                     ? 
_entity_src_nat.tissue_fraction            ? 
_entity_src_nat.pdbx_secretion             venom 
_entity_src_nat.pdbx_fragment              ? 
_entity_src_nat.pdbx_variant               ? 
_entity_src_nat.pdbx_cell_line             ? 
_entity_src_nat.pdbx_atcc                  ? 
_entity_src_nat.pdbx_cellular_location     ? 
_entity_src_nat.pdbx_organ                 ? 
_entity_src_nat.pdbx_organelle             ? 
_entity_src_nat.pdbx_cell                  ? 
_entity_src_nat.pdbx_plasmid_name          ? 
_entity_src_nat.pdbx_plasmid_details       ? 
_entity_src_nat.details                    ? 
# 
loop_
_chem_comp.id 
_chem_comp.type 
_chem_comp.mon_nstd_flag 
_chem_comp.name 
_chem_comp.pdbx_synonyms 
_chem_comp.formula 
_chem_comp.formula_weight 
ALA 'L-peptide linking' y ALANINE         ? 'C3 H7 N O2'     89.093  
ARG 'L-peptide linking' y ARGININE        ? 'C6 H15 N4 O2 1' 175.209 
ASN 'L-peptide linking' y ASPARAGINE      ? 'C4 H8 N2 O3'    132.118 
ASP 'L-peptide linking' y 'ASPARTIC ACID' ? 'C4 H7 N O4'     133.103 
CYS 'L-peptide linking' y CYSTEINE        ? 'C3 H7 N O2 S'   121.158 
GLN 'L-peptide linking' y GLUTAMINE       ? 'C5 H10 N2 O3'   146.144 
GLU 'L-peptide linking' y 'GLUTAMIC ACID' ? 'C5 H9 N O4'     147.129 
GLY 'peptide linking'   y GLYCINE         ? 'C2 H5 N O2'     75.067  
HIS 'L-peptide linking' y HISTIDINE       ? 'C6 H10 N3 O2 1' 156.162 
LYS 'L-peptide linking' y LYSINE          ? 'C6 H15 N2 O2 1' 147.195 
MET 'L-peptide linking' y METHIONINE      ? 'C5 H11 N O2 S'  149.211 
PHE 'L-peptide linking' y PHENYLALANINE   ? 'C9 H11 N O2'    165.189 
SER 'L-peptide linking' y SERINE          ? 'C3 H7 N O3'     105.093 
THR 'L-peptide linking' y THREONINE       ? 'C4 H9 N O3'     119.119 
TYR 'L-peptide linking' y TYROSINE        ? 'C9 H11 N O3'    181.189 
VAL 'L-peptide linking' y VALINE          ? 'C5 H11 N O2'    117.146 
# 
loop_
_pdbx_poly_seq_scheme.asym_id 
_pdbx_poly_seq_scheme.entity_id 
_pdbx_poly_seq_scheme.seq_id 
_pdbx_poly_seq_scheme.mon_id 
_pdbx_poly_seq_scheme.ndb_seq_num 
_pdbx_poly_seq_scheme.pdb_seq_num 
_pdbx_poly_seq_scheme.auth_seq_num 
_pdbx_poly_seq_scheme.pdb_mon_id 
_pdbx_poly_seq_scheme.auth_mon_id 
_pdbx_poly_seq_scheme.pdb_strand_id 
_pdbx_poly_seq_scheme.pdb_ins_code 
_pdbx_poly_seq_scheme.hetero 
A 1 1  ASP 1  1  1  ASP ASP A . n 
A 1 2  ARG 2  2  2  ARG ARG A . n 
A 1 3  ASP 3  3  3  ASP ASP A . n 
A 1 4  SER 4  4  4  SER SER A . n 
A 1 5  CYS 5  5  5  CYS CYS A . n 
A 1 6  VAL 6  6  6  VAL VAL A . n 
A 1 7  ASP 7  7  7  ASP ASP A . n 
A 1 8  LYS 8  8  8  LYS LYS A . n 
A 1 9  SER 9  9  9  SER SER A . n 
A 1 10 ARG 10 10 10 ARG ARG A . n 
A 1 11 CYS 11 11 11 CYS CYS A . n 
A 1 12 ALA 12 12 12 ALA ALA A . n 
A 1 13 LYS 13 13 13 LYS LYS A . n 
A 1 14 TYR 14 14 14 TYR TYR A . n 
A 1 15 GLY 15 15 15 GLY GLY A . n 
A 1 16 TYR 16 16 16 TYR TYR A . n 
A 1 17 TYR 17 17 17 TYR TYR A . n 
A 1 18 GLN 18 18 18 GLN GLN A . n 
A 1 19 GLU 19 19 19 GLU GLU A . n 
A 1 20 CYS 20 20 20 CYS CYS A . n 
A 1 21 GLN 21 21 21 GLN GLN A . n 
A 1 22 ASP 22 22 22 ASP ASP A . n 
A 1 23 CYS 23 23 23 CYS CYS A . n 
A 1 24 CYS 24 24 24 CYS CYS A . n 
A 1 25 LYS 25 25 25 LYS LYS A . n 
A 1 26 ASN 26 26 26 ASN ASN A . n 
A 1 27 ALA 27 27 27 ALA ALA A . n 
A 1 28 GLY 28 28 28 GLY GLY A . n 
A 1 29 HIS 29 29 29 HIS HIS A . n 
A 1 30 ASN 30 30 30 ASN ASN A . n 
A 1 31 GLY 31 31 31 GLY GLY A . n 
A 1 32 GLY 32 32 32 GLY GLY A . n 
A 1 33 THR 33 33 33 THR THR A . n 
A 1 34 CYS 34 34 34 CYS CYS A . n 
A 1 35 MET 35 35 35 MET MET A . n 
A 1 36 PHE 36 36 36 PHE PHE A . n 
A 1 37 PHE 37 37 37 PHE PHE A . n 
A 1 38 LYS 38 38 38 LYS LYS A . n 
A 1 39 CYS 39 39 39 CYS CYS A . n 
A 1 40 LYS 40 40 40 LYS LYS A . n 
A 1 41 CYS 41 41 41 CYS CYS A . n 
A 1 42 ALA 42 42 42 ALA ALA A . n 
# 
_exptl.entry_id          1PX9 
_exptl.method            'SOLUTION NMR' 
_exptl.crystals_number   ? 
# 
_exptl_crystal.id                    1 
_exptl_crystal.density_meas          ? 
_exptl_crystal.density_Matthews      ? 
_exptl_crystal.density_percent_sol   ? 
_exptl_crystal.description           ? 
_exptl_crystal.F_000                 ? 
_exptl_crystal.preparation           ? 
# 
_diffrn.id                     1 
_diffrn.ambient_temp           ? 
_diffrn.ambient_temp_details   ? 
_diffrn.crystal_id             1 
# 
_diffrn_radiation.diffrn_id                        1 
_diffrn_radiation.wavelength_id                    1 
_diffrn_radiation.pdbx_monochromatic_or_laue_m_l   M 
_diffrn_radiation.monochromator                    ? 
_diffrn_radiation.pdbx_diffrn_protocol             'SINGLE WAVELENGTH' 
_diffrn_radiation.pdbx_scattering_type             ? 
# 
_diffrn_radiation_wavelength.id           1 
_diffrn_radiation_wavelength.wavelength   . 
_diffrn_radiation_wavelength.wt           1.0 
# 
_struct.entry_id                  1PX9 
_struct.title                     'Solution structure of the native CnErg1 Ergtoxin, a highly specific inhibitor of HERG channel' 
_struct.pdbx_model_details        ? 
_struct.pdbx_CASP_flag            ? 
_struct.pdbx_model_type_details   ? 
# 
_struct_keywords.entry_id        1PX9 
_struct_keywords.pdbx_keywords   TOXIN 
_struct_keywords.text            'alpha/beta molecular scaffold, TOXIN' 
# 
_struct_asym.id                            A 
_struct_asym.pdbx_blank_PDB_chainid_flag   N 
_struct_asym.pdbx_modified                 N 
_struct_asym.entity_id                     1 
_struct_asym.details                       ? 
# 
_struct_ref.id                         1 
_struct_ref.db_name                    UNP 
_struct_ref.db_code                    SEK1_CENNO 
_struct_ref.pdbx_db_accession          Q86QT3 
_struct_ref.entity_id                  1 
_struct_ref.pdbx_seq_one_letter_code   DRDSCVDKSRCAKYGYYQECQDCCKNAGHNGGTCMFFKCKCA 
_struct_ref.pdbx_align_begin           1 
_struct_ref.pdbx_db_isoform            ? 
# 
_struct_ref_seq.align_id                      1 
_struct_ref_seq.ref_id                        1 
_struct_ref_seq.pdbx_PDB_id_code              1PX9 
_struct_ref_seq.pdbx_strand_id                A 
_struct_ref_seq.seq_align_beg                 1 
_struct_ref_seq.pdbx_seq_align_beg_ins_code   ? 
_struct_ref_seq.seq_align_end                 42 
_struct_ref_seq.pdbx_seq_align_end_ins_code   ? 
_struct_ref_seq.pdbx_db_accession             Q86QT3 
_struct_ref_seq.db_align_beg                  1 
_struct_ref_seq.pdbx_db_align_beg_ins_code    ? 
_struct_ref_seq.db_align_end                  42 
_struct_ref_seq.pdbx_db_align_end_ins_code    ? 
_struct_ref_seq.pdbx_auth_seq_align_beg       1 
_struct_ref_seq.pdbx_auth_seq_align_end       42 
# 
_pdbx_struct_assembly.id                   1 
_pdbx_struct_assembly.details              author_defined_assembly 
_pdbx_struct_assembly.method_details       ? 
_pdbx_struct_assembly.oligomeric_details   monomeric 
_pdbx_struct_assembly.oligomeric_count     1 
# 
_pdbx_struct_assembly_gen.assembly_id       1 
_pdbx_struct_assembly_gen.oper_expression   1 
_pdbx_struct_assembly_gen.asym_id_list      A 
# 
_pdbx_struct_oper_list.id                   1 
_pdbx_struct_oper_list.type                 'identity operation' 
_pdbx_struct_oper_list.name                 1_555 
_pdbx_struct_oper_list.symmetry_operation   x,y,z 
_pdbx_struct_oper_list.matrix[1][1]         1.0000000000 
_pdbx_struct_oper_list.matrix[1][2]         0.0000000000 
_pdbx_struct_oper_list.matrix[1][3]         0.0000000000 
_pdbx_struct_oper_list.vector[1]            0.0000000000 
_pdbx_struct_oper_list.matrix[2][1]         0.0000000000 
_pdbx_struct_oper_list.matrix[2][2]         1.0000000000 
_pdbx_struct_oper_list.matrix[2][3]         0.0000000000 
_pdbx_struct_oper_list.vector[2]            0.0000000000 
_pdbx_struct_oper_list.matrix[3][1]         0.0000000000 
_pdbx_struct_oper_list.matrix[3][2]         0.0000000000 
_pdbx_struct_oper_list.matrix[3][3]         1.0000000000 
_pdbx_struct_oper_list.vector[3]            0.0000000000 
# 
_struct_biol.id                    1 
_struct_biol.pdbx_parent_biol_id   ? 
_struct_biol.details               ? 
# 
loop_
_struct_conf.conf_type_id 
_struct_conf.id 
_struct_conf.pdbx_PDB_helix_id 
_struct_conf.beg_label_comp_id 
_struct_conf.beg_label_asym_id 
_struct_conf.beg_label_seq_id 
_struct_conf.pdbx_beg_PDB_ins_code 
_struct_conf.end_label_comp_id 
_struct_conf.end_label_asym_id 
_struct_conf.end_label_seq_id 
_struct_conf.pdbx_end_PDB_ins_code 
_struct_conf.beg_auth_comp_id 
_struct_conf.beg_auth_asym_id 
_struct_conf.beg_auth_seq_id 
_struct_conf.end_auth_comp_id 
_struct_conf.end_auth_asym_id 
_struct_conf.end_auth_seq_id 
_struct_conf.pdbx_PDB_helix_class 
_struct_conf.details 
_struct_conf.pdbx_PDB_helix_length 
HELX_P HELX_P1 1 ARG A 2  ? VAL A 6  ? ARG A 2  VAL A 6  5 ? 5  
HELX_P HELX_P2 2 TYR A 17 ? GLY A 28 ? TYR A 17 GLY A 28 1 ? 12 
# 
_struct_conf_type.id          HELX_P 
_struct_conf_type.criteria    ? 
_struct_conf_type.reference   ? 
# 
loop_
_struct_conn.id 
_struct_conn.conn_type_id 
_struct_conn.pdbx_leaving_atom_flag 
_struct_conn.pdbx_PDB_id 
_struct_conn.ptnr1_label_asym_id 
_struct_conn.ptnr1_label_comp_id 
_struct_conn.ptnr1_label_seq_id 
_struct_conn.ptnr1_label_atom_id 
_struct_conn.pdbx_ptnr1_label_alt_id 
_struct_conn.pdbx_ptnr1_PDB_ins_code 
_struct_conn.pdbx_ptnr1_standard_comp_id 
_struct_conn.ptnr1_symmetry 
_struct_conn.ptnr2_label_asym_id 
_struct_conn.ptnr2_label_comp_id 
_struct_conn.ptnr2_label_seq_id 
_struct_conn.ptnr2_label_atom_id 
_struct_conn.pdbx_ptnr2_label_alt_id 
_struct_conn.pdbx_ptnr2_PDB_ins_code 
_struct_conn.ptnr1_auth_asym_id 
_struct_conn.ptnr1_auth_comp_id 
_struct_conn.ptnr1_auth_seq_id 
_struct_conn.ptnr2_auth_asym_id 
_struct_conn.ptnr2_auth_comp_id 
_struct_conn.ptnr2_auth_seq_id 
_struct_conn.ptnr2_symmetry 
_struct_conn.pdbx_ptnr3_label_atom_id 
_struct_conn.pdbx_ptnr3_label_seq_id 
_struct_conn.pdbx_ptnr3_label_comp_id 
_struct_conn.pdbx_ptnr3_label_asym_id 
_struct_conn.pdbx_ptnr3_label_alt_id 
_struct_conn.pdbx_ptnr3_PDB_ins_code 
_struct_conn.details 
_struct_conn.pdbx_dist_value 
_struct_conn.pdbx_value_order 
_struct_conn.pdbx_role 
disulf1 disulf ? ? A CYS 5  SG ? ? ? 1_555 A CYS 23 SG ? ? A CYS 5  A CYS 23 1_555 ? ? ? ? ? ? ? 2.030 ? ? 
disulf2 disulf ? ? A CYS 11 SG ? ? ? 1_555 A CYS 34 SG ? ? A CYS 11 A CYS 34 1_555 ? ? ? ? ? ? ? 2.007 ? ? 
disulf3 disulf ? ? A CYS 20 SG ? ? ? 1_555 A CYS 39 SG ? ? A CYS 20 A CYS 39 1_555 ? ? ? ? ? ? ? 2.016 ? ? 
disulf4 disulf ? ? A CYS 24 SG ? ? ? 1_555 A CYS 41 SG ? ? A CYS 24 A CYS 41 1_555 ? ? ? ? ? ? ? 2.022 ? ? 
# 
_struct_conn_type.id          disulf 
_struct_conn_type.criteria    ? 
_struct_conn_type.reference   ? 
# 
loop_
_pdbx_modification_feature.ordinal 
_pdbx_modification_feature.label_comp_id 
_pdbx_modification_feature.label_asym_id 
_pdbx_modification_feature.label_seq_id 
_pdbx_modification_feature.label_alt_id 
_pdbx_modification_feature.modified_residue_label_comp_id 
_pdbx_modification_feature.modified_residue_label_asym_id 
_pdbx_modification_feature.modified_residue_label_seq_id 
_pdbx_modification_feature.modified_residue_label_alt_id 
_pdbx_modification_feature.auth_comp_id 
_pdbx_modification_feature.auth_asym_id 
_pdbx_modification_feature.auth_seq_id 
_pdbx_modification_feature.PDB_ins_code 
_pdbx_modification_feature.symmetry 
_pdbx_modification_feature.modified_residue_auth_comp_id 
_pdbx_modification_feature.modified_residue_auth_asym_id 
_pdbx_modification_feature.modified_residue_auth_seq_id 
_pdbx_modification_feature.modified_residue_PDB_ins_code 
_pdbx_modification_feature.modified_residue_symmetry 
_pdbx_modification_feature.comp_id_linking_atom 
_pdbx_modification_feature.modified_residue_id_linking_atom 
_pdbx_modification_feature.modified_residue_id 
_pdbx_modification_feature.ref_pcm_id 
_pdbx_modification_feature.ref_comp_id 
_pdbx_modification_feature.type 
_pdbx_modification_feature.category 
1 CYS A 5  ? CYS A 23 ? CYS A 5  ? 1_555 CYS A 23 ? 1_555 SG SG . . . None 'Disulfide bridge' 
2 CYS A 11 ? CYS A 34 ? CYS A 11 ? 1_555 CYS A 34 ? 1_555 SG SG . . . None 'Disulfide bridge' 
3 CYS A 20 ? CYS A 39 ? CYS A 20 ? 1_555 CYS A 39 ? 1_555 SG SG . . . None 'Disulfide bridge' 
4 CYS A 24 ? CYS A 41 ? CYS A 24 ? 1_555 CYS A 41 ? 1_555 SG SG . . . None 'Disulfide bridge' 
# 
_struct_mon_prot_cis.pdbx_id                1 
_struct_mon_prot_cis.label_comp_id          MET 
_struct_mon_prot_cis.label_seq_id           35 
_struct_mon_prot_cis.label_asym_id          A 
_struct_mon_prot_cis.label_alt_id           . 
_struct_mon_prot_cis.pdbx_PDB_ins_code      ? 
_struct_mon_prot_cis.auth_comp_id           MET 
_struct_mon_prot_cis.auth_seq_id            35 
_struct_mon_prot_cis.auth_asym_id           A 
_struct_mon_prot_cis.pdbx_label_comp_id_2   PHE 
_struct_mon_prot_cis.pdbx_label_seq_id_2    36 
_struct_mon_prot_cis.pdbx_label_asym_id_2   A 
_struct_mon_prot_cis.pdbx_PDB_ins_code_2    ? 
_struct_mon_prot_cis.pdbx_auth_comp_id_2    PHE 
_struct_mon_prot_cis.pdbx_auth_seq_id_2     36 
_struct_mon_prot_cis.pdbx_auth_asym_id_2    A 
_struct_mon_prot_cis.pdbx_PDB_model_num     1 
_struct_mon_prot_cis.pdbx_omega_angle       -5.34 
# 
_struct_sheet.id               A 
_struct_sheet.type             ? 
_struct_sheet.number_strands   3 
_struct_sheet.details          ? 
# 
loop_
_struct_sheet_order.sheet_id 
_struct_sheet_order.range_id_1 
_struct_sheet_order.range_id_2 
_struct_sheet_order.offset 
_struct_sheet_order.sense 
A 1 2 ? anti-parallel 
A 2 3 ? anti-parallel 
# 
loop_
_struct_sheet_range.sheet_id 
_struct_sheet_range.id 
_struct_sheet_range.beg_label_comp_id 
_struct_sheet_range.beg_label_asym_id 
_struct_sheet_range.beg_label_seq_id 
_struct_sheet_range.pdbx_beg_PDB_ins_code 
_struct_sheet_range.end_label_comp_id 
_struct_sheet_range.end_label_asym_id 
_struct_sheet_range.end_label_seq_id 
_struct_sheet_range.pdbx_end_PDB_ins_code 
_struct_sheet_range.beg_auth_comp_id 
_struct_sheet_range.beg_auth_asym_id 
_struct_sheet_range.beg_auth_seq_id 
_struct_sheet_range.end_auth_comp_id 
_struct_sheet_range.end_auth_asym_id 
_struct_sheet_range.end_auth_seq_id 
A 1 TYR A 14 ? GLY A 15 ? TYR A 14 GLY A 15 
A 2 GLY A 32 ? MET A 35 ? GLY A 32 MET A 35 
A 3 CYS A 39 ? CYS A 41 ? CYS A 39 CYS A 41 
# 
loop_
_pdbx_struct_sheet_hbond.sheet_id 
_pdbx_struct_sheet_hbond.range_id_1 
_pdbx_struct_sheet_hbond.range_id_2 
_pdbx_struct_sheet_hbond.range_1_label_atom_id 
_pdbx_struct_sheet_hbond.range_1_label_comp_id 
_pdbx_struct_sheet_hbond.range_1_label_asym_id 
_pdbx_struct_sheet_hbond.range_1_label_seq_id 
_pdbx_struct_sheet_hbond.range_1_PDB_ins_code 
_pdbx_struct_sheet_hbond.range_1_auth_atom_id 
_pdbx_struct_sheet_hbond.range_1_auth_comp_id 
_pdbx_struct_sheet_hbond.range_1_auth_asym_id 
_pdbx_struct_sheet_hbond.range_1_auth_seq_id 
_pdbx_struct_sheet_hbond.range_2_label_atom_id 
_pdbx_struct_sheet_hbond.range_2_label_comp_id 
_pdbx_struct_sheet_hbond.range_2_label_asym_id 
_pdbx_struct_sheet_hbond.range_2_label_seq_id 
_pdbx_struct_sheet_hbond.range_2_PDB_ins_code 
_pdbx_struct_sheet_hbond.range_2_auth_atom_id 
_pdbx_struct_sheet_hbond.range_2_auth_comp_id 
_pdbx_struct_sheet_hbond.range_2_auth_asym_id 
_pdbx_struct_sheet_hbond.range_2_auth_seq_id 
A 1 2 N GLY A 15 ? N GLY A 15 O CYS A 34 ? O CYS A 34 
A 2 3 N THR A 33 ? N THR A 33 O LYS A 40 ? O LYS A 40 
# 
_pdbx_entry_details.entry_id                   1PX9 
_pdbx_entry_details.compound_details           ? 
_pdbx_entry_details.source_details             ? 
_pdbx_entry_details.nonpolymer_details         ? 
_pdbx_entry_details.sequence_details           ? 
_pdbx_entry_details.has_ligand_of_interest     ? 
_pdbx_entry_details.has_protein_modification   Y 
# 
_pdbx_validate_rmsd_bond.id                        1 
_pdbx_validate_rmsd_bond.PDB_model_num             1 
_pdbx_validate_rmsd_bond.auth_atom_id_1            C 
_pdbx_validate_rmsd_bond.auth_asym_id_1            A 
_pdbx_validate_rmsd_bond.auth_comp_id_1            ALA 
_pdbx_validate_rmsd_bond.auth_seq_id_1             42 
_pdbx_validate_rmsd_bond.PDB_ins_code_1            ? 
_pdbx_validate_rmsd_bond.label_alt_id_1            ? 
_pdbx_validate_rmsd_bond.auth_atom_id_2            OXT 
_pdbx_validate_rmsd_bond.auth_asym_id_2            A 
_pdbx_validate_rmsd_bond.auth_comp_id_2            ALA 
_pdbx_validate_rmsd_bond.auth_seq_id_2             42 
_pdbx_validate_rmsd_bond.PDB_ins_code_2            ? 
_pdbx_validate_rmsd_bond.label_alt_id_2            ? 
_pdbx_validate_rmsd_bond.bond_value                1.365 
_pdbx_validate_rmsd_bond.bond_target_value         1.229 
_pdbx_validate_rmsd_bond.bond_deviation            0.136 
_pdbx_validate_rmsd_bond.bond_standard_deviation   0.019 
_pdbx_validate_rmsd_bond.linker_flag               N 
# 
_pdbx_validate_rmsd_angle.id                         1 
_pdbx_validate_rmsd_angle.PDB_model_num              1 
_pdbx_validate_rmsd_angle.auth_atom_id_1             CA 
_pdbx_validate_rmsd_angle.auth_asym_id_1             A 
_pdbx_validate_rmsd_angle.auth_comp_id_1             CYS 
_pdbx_validate_rmsd_angle.auth_seq_id_1              34 
_pdbx_validate_rmsd_angle.PDB_ins_code_1             ? 
_pdbx_validate_rmsd_angle.label_alt_id_1             ? 
_pdbx_validate_rmsd_angle.auth_atom_id_2             CB 
_pdbx_validate_rmsd_angle.auth_asym_id_2             A 
_pdbx_validate_rmsd_angle.auth_comp_id_2             CYS 
_pdbx_validate_rmsd_angle.auth_seq_id_2              34 
_pdbx_validate_rmsd_angle.PDB_ins_code_2             ? 
_pdbx_validate_rmsd_angle.label_alt_id_2             ? 
_pdbx_validate_rmsd_angle.auth_atom_id_3             SG 
_pdbx_validate_rmsd_angle.auth_asym_id_3             A 
_pdbx_validate_rmsd_angle.auth_comp_id_3             CYS 
_pdbx_validate_rmsd_angle.auth_seq_id_3              34 
_pdbx_validate_rmsd_angle.PDB_ins_code_3             ? 
_pdbx_validate_rmsd_angle.label_alt_id_3             ? 
_pdbx_validate_rmsd_angle.angle_value                126.66 
_pdbx_validate_rmsd_angle.angle_target_value         114.20 
_pdbx_validate_rmsd_angle.angle_deviation            12.46 
_pdbx_validate_rmsd_angle.angle_standard_deviation   1.10 
_pdbx_validate_rmsd_angle.linker_flag                N 
# 
loop_
_pdbx_validate_torsion.id 
_pdbx_validate_torsion.PDB_model_num 
_pdbx_validate_torsion.auth_comp_id 
_pdbx_validate_torsion.auth_asym_id 
_pdbx_validate_torsion.auth_seq_id 
_pdbx_validate_torsion.PDB_ins_code 
_pdbx_validate_torsion.label_alt_id 
_pdbx_validate_torsion.phi 
_pdbx_validate_torsion.psi 
1 1 VAL A 6  ? ? -131.15 -68.90 
2 1 LYS A 8  ? ? -84.33  48.64  
3 1 TYR A 17 ? ? -166.13 112.53 
4 1 ASN A 30 ? ? 166.44  -64.55 
5 1 MET A 35 ? ? 163.57  141.22 
6 1 PHE A 37 ? ? -166.03 36.04  
# 
_pdbx_nmr_ensemble.entry_id                                      1PX9 
_pdbx_nmr_ensemble.conformers_calculated_total_number            10 
_pdbx_nmr_ensemble.conformers_submitted_total_number             1 
_pdbx_nmr_ensemble.conformer_selection_criteria                  
;structures with acceptable covalent geometry, structures with favorable non-bond energy, structures with the least restraint violations, structures with the lowest energy
;
_pdbx_nmr_ensemble.average_constraints_per_residue               ? 
_pdbx_nmr_ensemble.average_constraint_violations_per_residue     ? 
_pdbx_nmr_ensemble.maximum_distance_constraint_violation         ? 
_pdbx_nmr_ensemble.average_distance_constraint_violation         ? 
_pdbx_nmr_ensemble.maximum_upper_distance_constraint_violation   ? 
_pdbx_nmr_ensemble.maximum_lower_distance_constraint_violation   ? 
_pdbx_nmr_ensemble.distance_constraint_violation_method          ? 
_pdbx_nmr_ensemble.maximum_torsion_angle_constraint_violation    ? 
_pdbx_nmr_ensemble.average_torsion_angle_constraint_violation    ? 
_pdbx_nmr_ensemble.torsion_angle_constraint_violation_method     ? 
# 
_pdbx_nmr_representative.entry_id             1PX9 
_pdbx_nmr_representative.conformer_id         1 
_pdbx_nmr_representative.selection_criteria   'fewest violations, lowest energy' 
# 
_pdbx_nmr_sample_details.solution_id      1 
_pdbx_nmr_sample_details.contents         '0.55 mg of lyophilized natural ErgTx' 
_pdbx_nmr_sample_details.solvent_system   '0.160 mL, H2O/D2O 9:1, pH 3' 
# 
_pdbx_nmr_exptl_sample_conditions.conditions_id       1 
_pdbx_nmr_exptl_sample_conditions.temperature         303 
_pdbx_nmr_exptl_sample_conditions.pressure            ambient 
_pdbx_nmr_exptl_sample_conditions.pH                  3 
_pdbx_nmr_exptl_sample_conditions.ionic_strength      ? 
_pdbx_nmr_exptl_sample_conditions.pressure_units      ? 
_pdbx_nmr_exptl_sample_conditions.temperature_units   K 
# 
loop_
_pdbx_nmr_exptl.experiment_id 
_pdbx_nmr_exptl.solution_id 
_pdbx_nmr_exptl.conditions_id 
_pdbx_nmr_exptl.type 
1 1 1 '2D NOESY' 
2 1 1 '2D TOCSY' 
3 1 1 DQF-COSY   
# 
_pdbx_nmr_details.entry_id   1PX9 
_pdbx_nmr_details.text       'shigemi tube and nano-probe' 
# 
_pdbx_nmr_refine.entry_id           1PX9 
_pdbx_nmr_refine.method             'simulated annealing' 
_pdbx_nmr_refine.details            
;The structures are based on a total of 452 distance constraints (252 are intraresidual NOE-derivated distance constraints, 200 are interresidual NOE-derivated distance constraints including 49 long range), 13 3J and 10 hbonds
;
_pdbx_nmr_refine.software_ordinal   1 
# 
loop_
_pdbx_nmr_software.name 
_pdbx_nmr_software.version 
_pdbx_nmr_software.classification 
_pdbx_nmr_software.authors 
_pdbx_nmr_software.ordinal 
Discover 'insightII 2000' processing      'Accelrys technologies' 1 
Discover 'insightII 2000' 'data analysis' 'Accelrys technologies' 2 
Discover 'insightII 2000' refinement      'Accelrys technologies' 3 
# 
loop_
_chem_comp_atom.comp_id 
_chem_comp_atom.atom_id 
_chem_comp_atom.type_symbol 
_chem_comp_atom.pdbx_aromatic_flag 
_chem_comp_atom.pdbx_stereo_config 
_chem_comp_atom.pdbx_ordinal 
ALA N    N N N 1   
ALA CA   C N S 2   
ALA C    C N N 3   
ALA O    O N N 4   
ALA CB   C N N 5   
ALA OXT  O N N 6   
ALA H    H N N 7   
ALA H2   H N N 8   
ALA HA   H N N 9   
ALA HB1  H N N 10  
ALA HB2  H N N 11  
ALA HB3  H N N 12  
ALA HXT  H N N 13  
ARG N    N N N 14  
ARG CA   C N S 15  
ARG C    C N N 16  
ARG O    O N N 17  
ARG CB   C N N 18  
ARG CG   C N N 19  
ARG CD   C N N 20  
ARG NE   N N N 21  
ARG CZ   C N N 22  
ARG NH1  N N N 23  
ARG NH2  N N N 24  
ARG OXT  O N N 25  
ARG H    H N N 26  
ARG H2   H N N 27  
ARG HA   H N N 28  
ARG HB2  H N N 29  
ARG HB3  H N N 30  
ARG HG2  H N N 31  
ARG HG3  H N N 32  
ARG HD2  H N N 33  
ARG HD3  H N N 34  
ARG HE   H N N 35  
ARG HH11 H N N 36  
ARG HH12 H N N 37  
ARG HH21 H N N 38  
ARG HH22 H N N 39  
ARG HXT  H N N 40  
ASN N    N N N 41  
ASN CA   C N S 42  
ASN C    C N N 43  
ASN O    O N N 44  
ASN CB   C N N 45  
ASN CG   C N N 46  
ASN OD1  O N N 47  
ASN ND2  N N N 48  
ASN OXT  O N N 49  
ASN H    H N N 50  
ASN H2   H N N 51  
ASN HA   H N N 52  
ASN HB2  H N N 53  
ASN HB3  H N N 54  
ASN HD21 H N N 55  
ASN HD22 H N N 56  
ASN HXT  H N N 57  
ASP N    N N N 58  
ASP CA   C N S 59  
ASP C    C N N 60  
ASP O    O N N 61  
ASP CB   C N N 62  
ASP CG   C N N 63  
ASP OD1  O N N 64  
ASP OD2  O N N 65  
ASP OXT  O N N 66  
ASP H    H N N 67  
ASP H2   H N N 68  
ASP HA   H N N 69  
ASP HB2  H N N 70  
ASP HB3  H N N 71  
ASP HD2  H N N 72  
ASP HXT  H N N 73  
CYS N    N N N 74  
CYS CA   C N R 75  
CYS C    C N N 76  
CYS O    O N N 77  
CYS CB   C N N 78  
CYS SG   S N N 79  
CYS OXT  O N N 80  
CYS H    H N N 81  
CYS H2   H N N 82  
CYS HA   H N N 83  
CYS HB2  H N N 84  
CYS HB3  H N N 85  
CYS HG   H N N 86  
CYS HXT  H N N 87  
GLN N    N N N 88  
GLN CA   C N S 89  
GLN C    C N N 90  
GLN O    O N N 91  
GLN CB   C N N 92  
GLN CG   C N N 93  
GLN CD   C N N 94  
GLN OE1  O N N 95  
GLN NE2  N N N 96  
GLN OXT  O N N 97  
GLN H    H N N 98  
GLN H2   H N N 99  
GLN HA   H N N 100 
GLN HB2  H N N 101 
GLN HB3  H N N 102 
GLN HG2  H N N 103 
GLN HG3  H N N 104 
GLN HE21 H N N 105 
GLN HE22 H N N 106 
GLN HXT  H N N 107 
GLU N    N N N 108 
GLU CA   C N S 109 
GLU C    C N N 110 
GLU O    O N N 111 
GLU CB   C N N 112 
GLU CG   C N N 113 
GLU CD   C N N 114 
GLU OE1  O N N 115 
GLU OE2  O N N 116 
GLU OXT  O N N 117 
GLU H    H N N 118 
GLU H2   H N N 119 
GLU HA   H N N 120 
GLU HB2  H N N 121 
GLU HB3  H N N 122 
GLU HG2  H N N 123 
GLU HG3  H N N 124 
GLU HE2  H N N 125 
GLU HXT  H N N 126 
GLY N    N N N 127 
GLY CA   C N N 128 
GLY C    C N N 129 
GLY O    O N N 130 
GLY OXT  O N N 131 
GLY H    H N N 132 
GLY H2   H N N 133 
GLY HA2  H N N 134 
GLY HA3  H N N 135 
GLY HXT  H N N 136 
HIS N    N N N 137 
HIS CA   C N S 138 
HIS C    C N N 139 
HIS O    O N N 140 
HIS CB   C N N 141 
HIS CG   C Y N 142 
HIS ND1  N Y N 143 
HIS CD2  C Y N 144 
HIS CE1  C Y N 145 
HIS NE2  N Y N 146 
HIS OXT  O N N 147 
HIS H    H N N 148 
HIS H2   H N N 149 
HIS HA   H N N 150 
HIS HB2  H N N 151 
HIS HB3  H N N 152 
HIS HD1  H N N 153 
HIS HD2  H N N 154 
HIS HE1  H N N 155 
HIS HE2  H N N 156 
HIS HXT  H N N 157 
LYS N    N N N 158 
LYS CA   C N S 159 
LYS C    C N N 160 
LYS O    O N N 161 
LYS CB   C N N 162 
LYS CG   C N N 163 
LYS CD   C N N 164 
LYS CE   C N N 165 
LYS NZ   N N N 166 
LYS OXT  O N N 167 
LYS H    H N N 168 
LYS H2   H N N 169 
LYS HA   H N N 170 
LYS HB2  H N N 171 
LYS HB3  H N N 172 
LYS HG2  H N N 173 
LYS HG3  H N N 174 
LYS HD2  H N N 175 
LYS HD3  H N N 176 
LYS HE2  H N N 177 
LYS HE3  H N N 178 
LYS HZ1  H N N 179 
LYS HZ2  H N N 180 
LYS HZ3  H N N 181 
LYS HXT  H N N 182 
MET N    N N N 183 
MET CA   C N S 184 
MET C    C N N 185 
MET O    O N N 186 
MET CB   C N N 187 
MET CG   C N N 188 
MET SD   S N N 189 
MET CE   C N N 190 
MET OXT  O N N 191 
MET H    H N N 192 
MET H2   H N N 193 
MET HA   H N N 194 
MET HB2  H N N 195 
MET HB3  H N N 196 
MET HG2  H N N 197 
MET HG3  H N N 198 
MET HE1  H N N 199 
MET HE2  H N N 200 
MET HE3  H N N 201 
MET HXT  H N N 202 
PHE N    N N N 203 
PHE CA   C N S 204 
PHE C    C N N 205 
PHE O    O N N 206 
PHE CB   C N N 207 
PHE CG   C Y N 208 
PHE CD1  C Y N 209 
PHE CD2  C Y N 210 
PHE CE1  C Y N 211 
PHE CE2  C Y N 212 
PHE CZ   C Y N 213 
PHE OXT  O N N 214 
PHE H    H N N 215 
PHE H2   H N N 216 
PHE HA   H N N 217 
PHE HB2  H N N 218 
PHE HB3  H N N 219 
PHE HD1  H N N 220 
PHE HD2  H N N 221 
PHE HE1  H N N 222 
PHE HE2  H N N 223 
PHE HZ   H N N 224 
PHE HXT  H N N 225 
SER N    N N N 226 
SER CA   C N S 227 
SER C    C N N 228 
SER O    O N N 229 
SER CB   C N N 230 
SER OG   O N N 231 
SER OXT  O N N 232 
SER H    H N N 233 
SER H2   H N N 234 
SER HA   H N N 235 
SER HB2  H N N 236 
SER HB3  H N N 237 
SER HG   H N N 238 
SER HXT  H N N 239 
THR N    N N N 240 
THR CA   C N S 241 
THR C    C N N 242 
THR O    O N N 243 
THR CB   C N R 244 
THR OG1  O N N 245 
THR CG2  C N N 246 
THR OXT  O N N 247 
THR H    H N N 248 
THR H2   H N N 249 
THR HA   H N N 250 
THR HB   H N N 251 
THR HG1  H N N 252 
THR HG21 H N N 253 
THR HG22 H N N 254 
THR HG23 H N N 255 
THR HXT  H N N 256 
TYR N    N N N 257 
TYR CA   C N S 258 
TYR C    C N N 259 
TYR O    O N N 260 
TYR CB   C N N 261 
TYR CG   C Y N 262 
TYR CD1  C Y N 263 
TYR CD2  C Y N 264 
TYR CE1  C Y N 265 
TYR CE2  C Y N 266 
TYR CZ   C Y N 267 
TYR OH   O N N 268 
TYR OXT  O N N 269 
TYR H    H N N 270 
TYR H2   H N N 271 
TYR HA   H N N 272 
TYR HB2  H N N 273 
TYR HB3  H N N 274 
TYR HD1  H N N 275 
TYR HD2  H N N 276 
TYR HE1  H N N 277 
TYR HE2  H N N 278 
TYR HH   H N N 279 
TYR HXT  H N N 280 
VAL N    N N N 281 
VAL CA   C N S 282 
VAL C    C N N 283 
VAL O    O N N 284 
VAL CB   C N N 285 
VAL CG1  C N N 286 
VAL CG2  C N N 287 
VAL OXT  O N N 288 
VAL H    H N N 289 
VAL H2   H N N 290 
VAL HA   H N N 291 
VAL HB   H N N 292 
VAL HG11 H N N 293 
VAL HG12 H N N 294 
VAL HG13 H N N 295 
VAL HG21 H N N 296 
VAL HG22 H N N 297 
VAL HG23 H N N 298 
VAL HXT  H N N 299 
# 
loop_
_chem_comp_bond.comp_id 
_chem_comp_bond.atom_id_1 
_chem_comp_bond.atom_id_2 
_chem_comp_bond.value_order 
_chem_comp_bond.pdbx_aromatic_flag 
_chem_comp_bond.pdbx_stereo_config 
_chem_comp_bond.pdbx_ordinal 
ALA N   CA   sing N N 1   
ALA N   H    sing N N 2   
ALA N   H2   sing N N 3   
ALA CA  C    sing N N 4   
ALA CA  CB   sing N N 5   
ALA CA  HA   sing N N 6   
ALA C   O    doub N N 7   
ALA C   OXT  sing N N 8   
ALA CB  HB1  sing N N 9   
ALA CB  HB2  sing N N 10  
ALA CB  HB3  sing N N 11  
ALA OXT HXT  sing N N 12  
ARG N   CA   sing N N 13  
ARG N   H    sing N N 14  
ARG N   H2   sing N N 15  
ARG CA  C    sing N N 16  
ARG CA  CB   sing N N 17  
ARG CA  HA   sing N N 18  
ARG C   O    doub N N 19  
ARG C   OXT  sing N N 20  
ARG CB  CG   sing N N 21  
ARG CB  HB2  sing N N 22  
ARG CB  HB3  sing N N 23  
ARG CG  CD   sing N N 24  
ARG CG  HG2  sing N N 25  
ARG CG  HG3  sing N N 26  
ARG CD  NE   sing N N 27  
ARG CD  HD2  sing N N 28  
ARG CD  HD3  sing N N 29  
ARG NE  CZ   sing N N 30  
ARG NE  HE   sing N N 31  
ARG CZ  NH1  sing N N 32  
ARG CZ  NH2  doub N N 33  
ARG NH1 HH11 sing N N 34  
ARG NH1 HH12 sing N N 35  
ARG NH2 HH21 sing N N 36  
ARG NH2 HH22 sing N N 37  
ARG OXT HXT  sing N N 38  
ASN N   CA   sing N N 39  
ASN N   H    sing N N 40  
ASN N   H2   sing N N 41  
ASN CA  C    sing N N 42  
ASN CA  CB   sing N N 43  
ASN CA  HA   sing N N 44  
ASN C   O    doub N N 45  
ASN C   OXT  sing N N 46  
ASN CB  CG   sing N N 47  
ASN CB  HB2  sing N N 48  
ASN CB  HB3  sing N N 49  
ASN CG  OD1  doub N N 50  
ASN CG  ND2  sing N N 51  
ASN ND2 HD21 sing N N 52  
ASN ND2 HD22 sing N N 53  
ASN OXT HXT  sing N N 54  
ASP N   CA   sing N N 55  
ASP N   H    sing N N 56  
ASP N   H2   sing N N 57  
ASP CA  C    sing N N 58  
ASP CA  CB   sing N N 59  
ASP CA  HA   sing N N 60  
ASP C   O    doub N N 61  
ASP C   OXT  sing N N 62  
ASP CB  CG   sing N N 63  
ASP CB  HB2  sing N N 64  
ASP CB  HB3  sing N N 65  
ASP CG  OD1  doub N N 66  
ASP CG  OD2  sing N N 67  
ASP OD2 HD2  sing N N 68  
ASP OXT HXT  sing N N 69  
CYS N   CA   sing N N 70  
CYS N   H    sing N N 71  
CYS N   H2   sing N N 72  
CYS CA  C    sing N N 73  
CYS CA  CB   sing N N 74  
CYS CA  HA   sing N N 75  
CYS C   O    doub N N 76  
CYS C   OXT  sing N N 77  
CYS CB  SG   sing N N 78  
CYS CB  HB2  sing N N 79  
CYS CB  HB3  sing N N 80  
CYS SG  HG   sing N N 81  
CYS OXT HXT  sing N N 82  
GLN N   CA   sing N N 83  
GLN N   H    sing N N 84  
GLN N   H2   sing N N 85  
GLN CA  C    sing N N 86  
GLN CA  CB   sing N N 87  
GLN CA  HA   sing N N 88  
GLN C   O    doub N N 89  
GLN C   OXT  sing N N 90  
GLN CB  CG   sing N N 91  
GLN CB  HB2  sing N N 92  
GLN CB  HB3  sing N N 93  
GLN CG  CD   sing N N 94  
GLN CG  HG2  sing N N 95  
GLN CG  HG3  sing N N 96  
GLN CD  OE1  doub N N 97  
GLN CD  NE2  sing N N 98  
GLN NE2 HE21 sing N N 99  
GLN NE2 HE22 sing N N 100 
GLN OXT HXT  sing N N 101 
GLU N   CA   sing N N 102 
GLU N   H    sing N N 103 
GLU N   H2   sing N N 104 
GLU CA  C    sing N N 105 
GLU CA  CB   sing N N 106 
GLU CA  HA   sing N N 107 
GLU C   O    doub N N 108 
GLU C   OXT  sing N N 109 
GLU CB  CG   sing N N 110 
GLU CB  HB2  sing N N 111 
GLU CB  HB3  sing N N 112 
GLU CG  CD   sing N N 113 
GLU CG  HG2  sing N N 114 
GLU CG  HG3  sing N N 115 
GLU CD  OE1  doub N N 116 
GLU CD  OE2  sing N N 117 
GLU OE2 HE2  sing N N 118 
GLU OXT HXT  sing N N 119 
GLY N   CA   sing N N 120 
GLY N   H    sing N N 121 
GLY N   H2   sing N N 122 
GLY CA  C    sing N N 123 
GLY CA  HA2  sing N N 124 
GLY CA  HA3  sing N N 125 
GLY C   O    doub N N 126 
GLY C   OXT  sing N N 127 
GLY OXT HXT  sing N N 128 
HIS N   CA   sing N N 129 
HIS N   H    sing N N 130 
HIS N   H2   sing N N 131 
HIS CA  C    sing N N 132 
HIS CA  CB   sing N N 133 
HIS CA  HA   sing N N 134 
HIS C   O    doub N N 135 
HIS C   OXT  sing N N 136 
HIS CB  CG   sing N N 137 
HIS CB  HB2  sing N N 138 
HIS CB  HB3  sing N N 139 
HIS CG  ND1  sing Y N 140 
HIS CG  CD2  doub Y N 141 
HIS ND1 CE1  doub Y N 142 
HIS ND1 HD1  sing N N 143 
HIS CD2 NE2  sing Y N 144 
HIS CD2 HD2  sing N N 145 
HIS CE1 NE2  sing Y N 146 
HIS CE1 HE1  sing N N 147 
HIS NE2 HE2  sing N N 148 
HIS OXT HXT  sing N N 149 
LYS N   CA   sing N N 150 
LYS N   H    sing N N 151 
LYS N   H2   sing N N 152 
LYS CA  C    sing N N 153 
LYS CA  CB   sing N N 154 
LYS CA  HA   sing N N 155 
LYS C   O    doub N N 156 
LYS C   OXT  sing N N 157 
LYS CB  CG   sing N N 158 
LYS CB  HB2  sing N N 159 
LYS CB  HB3  sing N N 160 
LYS CG  CD   sing N N 161 
LYS CG  HG2  sing N N 162 
LYS CG  HG3  sing N N 163 
LYS CD  CE   sing N N 164 
LYS CD  HD2  sing N N 165 
LYS CD  HD3  sing N N 166 
LYS CE  NZ   sing N N 167 
LYS CE  HE2  sing N N 168 
LYS CE  HE3  sing N N 169 
LYS NZ  HZ1  sing N N 170 
LYS NZ  HZ2  sing N N 171 
LYS NZ  HZ3  sing N N 172 
LYS OXT HXT  sing N N 173 
MET N   CA   sing N N 174 
MET N   H    sing N N 175 
MET N   H2   sing N N 176 
MET CA  C    sing N N 177 
MET CA  CB   sing N N 178 
MET CA  HA   sing N N 179 
MET C   O    doub N N 180 
MET C   OXT  sing N N 181 
MET CB  CG   sing N N 182 
MET CB  HB2  sing N N 183 
MET CB  HB3  sing N N 184 
MET CG  SD   sing N N 185 
MET CG  HG2  sing N N 186 
MET CG  HG3  sing N N 187 
MET SD  CE   sing N N 188 
MET CE  HE1  sing N N 189 
MET CE  HE2  sing N N 190 
MET CE  HE3  sing N N 191 
MET OXT HXT  sing N N 192 
PHE N   CA   sing N N 193 
PHE N   H    sing N N 194 
PHE N   H2   sing N N 195 
PHE CA  C    sing N N 196 
PHE CA  CB   sing N N 197 
PHE CA  HA   sing N N 198 
PHE C   O    doub N N 199 
PHE C   OXT  sing N N 200 
PHE CB  CG   sing N N 201 
PHE CB  HB2  sing N N 202 
PHE CB  HB3  sing N N 203 
PHE CG  CD1  doub Y N 204 
PHE CG  CD2  sing Y N 205 
PHE CD1 CE1  sing Y N 206 
PHE CD1 HD1  sing N N 207 
PHE CD2 CE2  doub Y N 208 
PHE CD2 HD2  sing N N 209 
PHE CE1 CZ   doub Y N 210 
PHE CE1 HE1  sing N N 211 
PHE CE2 CZ   sing Y N 212 
PHE CE2 HE2  sing N N 213 
PHE CZ  HZ   sing N N 214 
PHE OXT HXT  sing N N 215 
SER N   CA   sing N N 216 
SER N   H    sing N N 217 
SER N   H2   sing N N 218 
SER CA  C    sing N N 219 
SER CA  CB   sing N N 220 
SER CA  HA   sing N N 221 
SER C   O    doub N N 222 
SER C   OXT  sing N N 223 
SER CB  OG   sing N N 224 
SER CB  HB2  sing N N 225 
SER CB  HB3  sing N N 226 
SER OG  HG   sing N N 227 
SER OXT HXT  sing N N 228 
THR N   CA   sing N N 229 
THR N   H    sing N N 230 
THR N   H2   sing N N 231 
THR CA  C    sing N N 232 
THR CA  CB   sing N N 233 
THR CA  HA   sing N N 234 
THR C   O    doub N N 235 
THR C   OXT  sing N N 236 
THR CB  OG1  sing N N 237 
THR CB  CG2  sing N N 238 
THR CB  HB   sing N N 239 
THR OG1 HG1  sing N N 240 
THR CG2 HG21 sing N N 241 
THR CG2 HG22 sing N N 242 
THR CG2 HG23 sing N N 243 
THR OXT HXT  sing N N 244 
TYR N   CA   sing N N 245 
TYR N   H    sing N N 246 
TYR N   H2   sing N N 247 
TYR CA  C    sing N N 248 
TYR CA  CB   sing N N 249 
TYR CA  HA   sing N N 250 
TYR C   O    doub N N 251 
TYR C   OXT  sing N N 252 
TYR CB  CG   sing N N 253 
TYR CB  HB2  sing N N 254 
TYR CB  HB3  sing N N 255 
TYR CG  CD1  doub Y N 256 
TYR CG  CD2  sing Y N 257 
TYR CD1 CE1  sing Y N 258 
TYR CD1 HD1  sing N N 259 
TYR CD2 CE2  doub Y N 260 
TYR CD2 HD2  sing N N 261 
TYR CE1 CZ   doub Y N 262 
TYR CE1 HE1  sing N N 263 
TYR CE2 CZ   sing Y N 264 
TYR CE2 HE2  sing N N 265 
TYR CZ  OH   sing N N 266 
TYR OH  HH   sing N N 267 
TYR OXT HXT  sing N N 268 
VAL N   CA   sing N N 269 
VAL N   H    sing N N 270 
VAL N   H2   sing N N 271 
VAL CA  C    sing N N 272 
VAL CA  CB   sing N N 273 
VAL CA  HA   sing N N 274 
VAL C   O    doub N N 275 
VAL C   OXT  sing N N 276 
VAL CB  CG1  sing N N 277 
VAL CB  CG2  sing N N 278 
VAL CB  HB   sing N N 279 
VAL CG1 HG11 sing N N 280 
VAL CG1 HG12 sing N N 281 
VAL CG1 HG13 sing N N 282 
VAL CG2 HG21 sing N N 283 
VAL CG2 HG22 sing N N 284 
VAL CG2 HG23 sing N N 285 
VAL OXT HXT  sing N N 286 
# 
loop_
_pdbx_nmr_spectrometer.spectrometer_id 
_pdbx_nmr_spectrometer.type 
_pdbx_nmr_spectrometer.manufacturer 
_pdbx_nmr_spectrometer.model 
_pdbx_nmr_spectrometer.field_strength 
1 ? Varian INOVA 500 
2 ? Varian INOVA 600 
# 
_atom_sites.entry_id                    1PX9 
_atom_sites.fract_transf_matrix[1][1]   1.000000 
_atom_sites.fract_transf_matrix[1][2]   0.000000 
_atom_sites.fract_transf_matrix[1][3]   0.000000 
_atom_sites.fract_transf_matrix[2][1]   0.000000 
_atom_sites.fract_transf_matrix[2][2]   1.000000 
_atom_sites.fract_transf_matrix[2][3]   0.000000 
_atom_sites.fract_transf_matrix[3][1]   0.000000 
_atom_sites.fract_transf_matrix[3][2]   0.000000 
_atom_sites.fract_transf_matrix[3][3]   1.000000 
_atom_sites.fract_transf_vector[1]      0.00000 
_atom_sites.fract_transf_vector[2]      0.00000 
_atom_sites.fract_transf_vector[3]      0.00000 
# 
loop_
_atom_type.symbol 
C 
H 
N 
O 
S 
# 
loop_
_atom_site.group_PDB 
_atom_site.id 
_atom_site.type_symbol 
_atom_site.label_atom_id 
_atom_site.label_alt_id 
_atom_site.label_comp_id 
_atom_site.label_asym_id 
_atom_site.label_entity_id 
_atom_site.label_seq_id 
_atom_site.pdbx_PDB_ins_code 
_atom_site.Cartn_x 
_atom_site.Cartn_y 
_atom_site.Cartn_z 
_atom_site.occupancy 
_atom_site.B_iso_or_equiv 
_atom_site.pdbx_formal_charge 
_atom_site.auth_seq_id 
_atom_site.auth_comp_id 
_atom_site.auth_asym_id 
_atom_site.auth_atom_id 
_atom_site.pdbx_PDB_model_num 
ATOM 1   N N    . ASP A 1 1  ? 3.003   -5.942  11.848  1.00 0.00 ? 1  ASP A N    1 
ATOM 2   C CA   . ASP A 1 1  ? 2.928   -6.729  10.605  1.00 0.00 ? 1  ASP A CA   1 
ATOM 3   C C    . ASP A 1 1  ? 2.318   -5.895  9.471   1.00 0.00 ? 1  ASP A C    1 
ATOM 4   O O    . ASP A 1 1  ? 3.042   -5.163  8.795   1.00 0.00 ? 1  ASP A O    1 
ATOM 5   C CB   . ASP A 1 1  ? 2.213   -8.076  10.847  1.00 0.00 ? 1  ASP A CB   1 
ATOM 6   C CG   . ASP A 1 1  ? 2.116   -8.926  9.573   1.00 0.00 ? 1  ASP A CG   1 
ATOM 7   O OD1  . ASP A 1 1  ? 3.155   -9.509  9.196   1.00 0.00 ? 1  ASP A OD1  1 
ATOM 8   O OD2  . ASP A 1 1  ? 1.009   -8.968  8.991   1.00 0.00 ? 1  ASP A OD2  1 
ATOM 9   H H1   . ASP A 1 1  ? 2.070   -5.710  12.152  1.00 0.00 ? 1  ASP A H1   1 
ATOM 10  H H2   . ASP A 1 1  ? 3.524   -5.093  11.675  1.00 0.00 ? 1  ASP A H2   1 
ATOM 11  H H3   . ASP A 1 1  ? 3.469   -6.484  12.562  1.00 0.00 ? 1  ASP A H3   1 
ATOM 12  H HA   . ASP A 1 1  ? 3.957   -6.961  10.322  1.00 0.00 ? 1  ASP A HA   1 
ATOM 13  H HB2  . ASP A 1 1  ? 2.768   -8.642  11.598  1.00 0.00 ? 1  ASP A HB2  1 
ATOM 14  H HB3  . ASP A 1 1  ? 1.216   -7.898  11.255  1.00 0.00 ? 1  ASP A HB3  1 
ATOM 15  N N    . ARG A 1 2  ? 0.999   -6.024  9.249   1.00 0.00 ? 2  ARG A N    1 
ATOM 16  C CA   . ARG A 1 2  ? 0.272   -5.458  8.116   1.00 0.00 ? 2  ARG A CA   1 
ATOM 17  C C    . ARG A 1 2  ? 0.919   -5.864  6.784   1.00 0.00 ? 2  ARG A C    1 
ATOM 18  O O    . ARG A 1 2  ? 1.104   -5.030  5.900   1.00 0.00 ? 2  ARG A O    1 
ATOM 19  C CB   . ARG A 1 2  ? 0.129   -3.935  8.268   1.00 0.00 ? 2  ARG A CB   1 
ATOM 20  C CG   . ARG A 1 2  ? -0.653  -3.557  9.534   1.00 0.00 ? 2  ARG A CG   1 
ATOM 21  C CD   . ARG A 1 2  ? -0.867  -2.039  9.606   1.00 0.00 ? 2  ARG A CD   1 
ATOM 22  N NE   . ARG A 1 2  ? 0.403   -1.315  9.780   1.00 0.00 ? 2  ARG A NE   1 
ATOM 23  C CZ   . ARG A 1 2  ? 1.007   -1.054  10.953  1.00 0.00 ? 2  ARG A CZ   1 
ATOM 24  N NH1  . ARG A 1 2  ? 0.496   -1.492  12.114  1.00 0.00 ? 2  ARG A NH1  1 
ATOM 25  N NH2  . ARG A 1 2  ? 2.143   -0.341  10.963  1.00 0.00 ? 2  ARG A NH2  1 
ATOM 26  H H    . ARG A 1 2  ? 0.478   -6.659  9.836   1.00 0.00 ? 2  ARG A H    1 
ATOM 27  H HA   . ARG A 1 2  ? -0.731  -5.891  8.127   1.00 0.00 ? 2  ARG A HA   1 
ATOM 28  H HB2  . ARG A 1 2  ? 1.113   -3.465  8.281   1.00 0.00 ? 2  ARG A HB2  1 
ATOM 29  H HB3  . ARG A 1 2  ? -0.421  -3.549  7.408   1.00 0.00 ? 2  ARG A HB3  1 
ATOM 30  H HG2  . ARG A 1 2  ? -1.626  -4.048  9.507   1.00 0.00 ? 2  ARG A HG2  1 
ATOM 31  H HG3  . ARG A 1 2  ? -0.120  -3.895  10.424  1.00 0.00 ? 2  ARG A HG3  1 
ATOM 32  H HD2  . ARG A 1 2  ? -1.335  -1.700  8.681   1.00 0.00 ? 2  ARG A HD2  1 
ATOM 33  H HD3  . ARG A 1 2  ? -1.551  -1.811  10.424  1.00 0.00 ? 2  ARG A HD3  1 
ATOM 34  H HE   . ARG A 1 2  ? 0.843   -0.980  8.935   1.00 0.00 ? 2  ARG A HE   1 
ATOM 35  H HH11 . ARG A 1 2  ? -0.352  -2.041  12.118  1.00 0.00 ? 2  ARG A HH11 1 
ATOM 36  H HH12 . ARG A 1 2  ? 0.954   -1.273  12.987  1.00 0.00 ? 2  ARG A HH12 1 
ATOM 37  H HH21 . ARG A 1 2  ? 2.535   -0.001  10.097  1.00 0.00 ? 2  ARG A HH21 1 
ATOM 38  H HH22 . ARG A 1 2  ? 2.597   -0.128  11.840  1.00 0.00 ? 2  ARG A HH22 1 
ATOM 39  N N    . ASP A 1 3  ? 1.248   -7.157  6.641   1.00 0.00 ? 3  ASP A N    1 
ATOM 40  C CA   . ASP A 1 3  ? 1.770   -7.766  5.421   1.00 0.00 ? 3  ASP A CA   1 
ATOM 41  C C    . ASP A 1 3  ? 0.839   -7.470  4.237   1.00 0.00 ? 3  ASP A C    1 
ATOM 42  O O    . ASP A 1 3  ? 1.285   -7.050  3.170   1.00 0.00 ? 3  ASP A O    1 
ATOM 43  C CB   . ASP A 1 3  ? 1.867   -9.287  5.644   1.00 0.00 ? 3  ASP A CB   1 
ATOM 44  C CG   . ASP A 1 3  ? 2.732   -10.009 4.616   1.00 0.00 ? 3  ASP A CG   1 
ATOM 45  O OD1  . ASP A 1 3  ? 3.611   -9.354  4.015   1.00 0.00 ? 3  ASP A OD1  1 
ATOM 46  O OD2  . ASP A 1 3  ? 2.506   -11.229 4.469   1.00 0.00 ? 3  ASP A OD2  1 
ATOM 47  H H    . ASP A 1 3  ? 1.070   -7.779  7.418   1.00 0.00 ? 3  ASP A H    1 
ATOM 48  H HA   . ASP A 1 3  ? 2.762   -7.341  5.250   1.00 0.00 ? 3  ASP A HA   1 
ATOM 49  H HB2  . ASP A 1 3  ? 2.303   -9.500  6.618   1.00 0.00 ? 3  ASP A HB2  1 
ATOM 50  H HB3  . ASP A 1 3  ? 0.864   -9.720  5.630   1.00 0.00 ? 3  ASP A HB3  1 
ATOM 51  N N    . SER A 1 4  ? -0.464  -7.664  4.490   1.00 0.00 ? 4  SER A N    1 
ATOM 52  C CA   . SER A 1 4  ? -1.607  -7.334  3.651   1.00 0.00 ? 4  SER A CA   1 
ATOM 53  C C    . SER A 1 4  ? -1.621  -5.886  3.130   1.00 0.00 ? 4  SER A C    1 
ATOM 54  O O    . SER A 1 4  ? -2.365  -5.603  2.195   1.00 0.00 ? 4  SER A O    1 
ATOM 55  C CB   . SER A 1 4  ? -2.893  -7.626  4.442   1.00 0.00 ? 4  SER A CB   1 
ATOM 56  O OG   . SER A 1 4  ? -2.999  -9.002  4.744   1.00 0.00 ? 4  SER A OG   1 
ATOM 57  H H    . SER A 1 4  ? -0.697  -8.036  5.399   1.00 0.00 ? 4  SER A H    1 
ATOM 58  H HA   . SER A 1 4  ? -1.590  -8.005  2.796   1.00 0.00 ? 4  SER A HA   1 
ATOM 59  H HB2  . SER A 1 4  ? -2.905  -7.056  5.374   1.00 0.00 ? 4  SER A HB2  1 
ATOM 60  H HB3  . SER A 1 4  ? -3.763  -7.341  3.851   1.00 0.00 ? 4  SER A HB3  1 
ATOM 61  H HG   . SER A 1 4  ? -2.243  -9.260  5.276   1.00 0.00 ? 4  SER A HG   1 
ATOM 62  N N    . CYS A 1 5  ? -0.840  -4.965  3.713   1.00 0.00 ? 5  CYS A N    1 
ATOM 63  C CA   . CYS A 1 5  ? -0.757  -3.566  3.289   1.00 0.00 ? 5  CYS A CA   1 
ATOM 64  C C    . CYS A 1 5  ? 0.695   -3.118  3.056   1.00 0.00 ? 5  CYS A C    1 
ATOM 65  O O    . CYS A 1 5  ? 0.963   -1.915  3.060   1.00 0.00 ? 5  CYS A O    1 
ATOM 66  C CB   . CYS A 1 5  ? -1.447  -2.682  4.340   1.00 0.00 ? 5  CYS A CB   1 
ATOM 67  S SG   . CYS A 1 5  ? -3.128  -3.184  4.805   1.00 0.00 ? 5  CYS A SG   1 
ATOM 68  H H    . CYS A 1 5  ? -0.244  -5.246  4.480   1.00 0.00 ? 5  CYS A H    1 
ATOM 69  H HA   . CYS A 1 5  ? -1.276  -3.418  2.339   1.00 0.00 ? 5  CYS A HA   1 
ATOM 70  H HB2  . CYS A 1 5  ? -0.839  -2.673  5.245   1.00 0.00 ? 5  CYS A HB2  1 
ATOM 71  H HB3  . CYS A 1 5  ? -1.496  -1.662  3.956   1.00 0.00 ? 5  CYS A HB3  1 
ATOM 72  N N    . VAL A 1 6  ? 1.629   -4.060  2.846   1.00 0.00 ? 6  VAL A N    1 
ATOM 73  C CA   . VAL A 1 6  ? 3.039   -3.796  2.585   1.00 0.00 ? 6  VAL A CA   1 
ATOM 74  C C    . VAL A 1 6  ? 3.474   -4.609  1.363   1.00 0.00 ? 6  VAL A C    1 
ATOM 75  O O    . VAL A 1 6  ? 3.766   -4.027  0.321   1.00 0.00 ? 6  VAL A O    1 
ATOM 76  C CB   . VAL A 1 6  ? 3.888   -4.087  3.844   1.00 0.00 ? 6  VAL A CB   1 
ATOM 77  C CG1  . VAL A 1 6  ? 5.392   -3.979  3.539   1.00 0.00 ? 6  VAL A CG1  1 
ATOM 78  C CG2  . VAL A 1 6  ? 3.561   -3.083  4.963   1.00 0.00 ? 6  VAL A CG2  1 
ATOM 79  H H    . VAL A 1 6  ? 1.348   -5.032  2.862   1.00 0.00 ? 6  VAL A H    1 
ATOM 80  H HA   . VAL A 1 6  ? 3.182   -2.742  2.331   1.00 0.00 ? 6  VAL A HA   1 
ATOM 81  H HB   . VAL A 1 6  ? 3.679   -5.097  4.205   1.00 0.00 ? 6  VAL A HB   1 
ATOM 82  H HG11 . VAL A 1 6  ? 5.617   -3.002  3.110   1.00 0.00 ? 6  VAL A HG11 1 
ATOM 83  H HG12 . VAL A 1 6  ? 5.969   -4.108  4.454   1.00 0.00 ? 6  VAL A HG12 1 
ATOM 84  H HG13 . VAL A 1 6  ? 5.698   -4.749  2.834   1.00 0.00 ? 6  VAL A HG13 1 
ATOM 85  H HG21 . VAL A 1 6  ? 2.503   -3.099  5.212   1.00 0.00 ? 6  VAL A HG21 1 
ATOM 86  H HG22 . VAL A 1 6  ? 4.129   -3.332  5.859   1.00 0.00 ? 6  VAL A HG22 1 
ATOM 87  H HG23 . VAL A 1 6  ? 3.823   -2.074  4.644   1.00 0.00 ? 6  VAL A HG23 1 
ATOM 88  N N    . ASP A 1 7  ? 3.539   -5.942  1.482   1.00 0.00 ? 7  ASP A N    1 
ATOM 89  C CA   . ASP A 1 7  ? 3.992   -6.827  0.409   1.00 0.00 ? 7  ASP A CA   1 
ATOM 90  C C    . ASP A 1 7  ? 2.807   -7.486  -0.292  1.00 0.00 ? 7  ASP A C    1 
ATOM 91  O O    . ASP A 1 7  ? 2.714   -7.431  -1.519  1.00 0.00 ? 7  ASP A O    1 
ATOM 92  C CB   . ASP A 1 7  ? 4.995   -7.863  0.941   1.00 0.00 ? 7  ASP A CB   1 
ATOM 93  C CG   . ASP A 1 7  ? 6.389   -7.250  1.100   1.00 0.00 ? 7  ASP A CG   1 
ATOM 94  O OD1  . ASP A 1 7  ? 6.997   -6.950  0.050   1.00 0.00 ? 7  ASP A OD1  1 
ATOM 95  O OD2  . ASP A 1 7  ? 6.821   -7.077  2.259   1.00 0.00 ? 7  ASP A OD2  1 
ATOM 96  H H    . ASP A 1 7  ? 3.248   -6.372  2.350   1.00 0.00 ? 7  ASP A H    1 
ATOM 97  H HA   . ASP A 1 7  ? 4.505   -6.239  -0.352  1.00 0.00 ? 7  ASP A HA   1 
ATOM 98  H HB2  . ASP A 1 7  ? 4.648   -8.275  1.889   1.00 0.00 ? 7  ASP A HB2  1 
ATOM 99  H HB3  . ASP A 1 7  ? 5.072   -8.690  0.233   1.00 0.00 ? 7  ASP A HB3  1 
ATOM 100 N N    . LYS A 1 8  ? 1.898   -8.094  0.482   1.00 0.00 ? 8  LYS A N    1 
ATOM 101 C CA   . LYS A 1 8  ? 0.692   -8.746  -0.020  1.00 0.00 ? 8  LYS A CA   1 
ATOM 102 C C    . LYS A 1 8  ? -0.414  -7.696  -0.203  1.00 0.00 ? 8  LYS A C    1 
ATOM 103 O O    . LYS A 1 8  ? -1.538  -7.873  0.263   1.00 0.00 ? 8  LYS A O    1 
ATOM 104 C CB   . LYS A 1 8  ? 0.265   -9.872  0.944   1.00 0.00 ? 8  LYS A CB   1 
ATOM 105 C CG   . LYS A 1 8  ? 1.419   -10.723 1.491   1.00 0.00 ? 8  LYS A CG   1 
ATOM 106 C CD   . LYS A 1 8  ? 2.201   -11.505 0.427   1.00 0.00 ? 8  LYS A CD   1 
ATOM 107 C CE   . LYS A 1 8  ? 3.513   -12.058 1.010   1.00 0.00 ? 8  LYS A CE   1 
ATOM 108 N NZ   . LYS A 1 8  ? 3.302   -12.837 2.243   1.00 0.00 ? 8  LYS A NZ   1 
ATOM 109 H H    . LYS A 1 8  ? 2.024   -8.064  1.485   1.00 0.00 ? 8  LYS A H    1 
ATOM 110 H HA   . LYS A 1 8  ? 0.893   -9.196  -0.994  1.00 0.00 ? 8  LYS A HA   1 
ATOM 111 H HB2  . LYS A 1 8  ? -0.211  -9.433  1.819   1.00 0.00 ? 8  LYS A HB2  1 
ATOM 112 H HB3  . LYS A 1 8  ? -0.460  -10.516 0.446   1.00 0.00 ? 8  LYS A HB3  1 
ATOM 113 H HG2  . LYS A 1 8  ? 2.111   -10.071 2.019   1.00 0.00 ? 8  LYS A HG2  1 
ATOM 114 H HG3  . LYS A 1 8  ? 1.000   -11.426 2.213   1.00 0.00 ? 8  LYS A HG3  1 
ATOM 115 H HD2  . LYS A 1 8  ? 1.581   -12.321 0.054   1.00 0.00 ? 8  LYS A HD2  1 
ATOM 116 H HD3  . LYS A 1 8  ? 2.457   -10.852 -0.408  1.00 0.00 ? 8  LYS A HD3  1 
ATOM 117 H HE2  . LYS A 1 8  ? 3.993   -12.699 0.271   1.00 0.00 ? 8  LYS A HE2  1 
ATOM 118 H HE3  . LYS A 1 8  ? 4.182   -11.227 1.241   1.00 0.00 ? 8  LYS A HE3  1 
ATOM 119 H HZ1  . LYS A 1 8  ? 2.649   -13.586 2.074   1.00 0.00 ? 8  LYS A HZ1  1 
ATOM 120 H HZ2  . LYS A 1 8  ? 4.183   -13.213 2.566   1.00 0.00 ? 8  LYS A HZ2  1 
ATOM 121 H HZ3  . LYS A 1 8  ? 2.927   -12.224 2.954   1.00 0.00 ? 8  LYS A HZ3  1 
ATOM 122 N N    . SER A 1 9  ? -0.073  -6.583  -0.863  1.00 0.00 ? 9  SER A N    1 
ATOM 123 C CA   . SER A 1 9  ? -0.864  -5.362  -0.938  1.00 0.00 ? 9  SER A CA   1 
ATOM 124 C C    . SER A 1 9  ? -1.512  -5.155  -2.324  1.00 0.00 ? 9  SER A C    1 
ATOM 125 O O    . SER A 1 9  ? -1.953  -4.049  -2.633  1.00 0.00 ? 9  SER A O    1 
ATOM 126 C CB   . SER A 1 9  ? 0.043   -4.212  -0.485  1.00 0.00 ? 9  SER A CB   1 
ATOM 127 O OG   . SER A 1 9  ? 1.193   -4.130  -1.301  1.00 0.00 ? 9  SER A OG   1 
ATOM 128 H H    . SER A 1 9  ? 0.859   -6.528  -1.250  1.00 0.00 ? 9  SER A H    1 
ATOM 129 H HA   . SER A 1 9  ? -1.682  -5.402  -0.220  1.00 0.00 ? 9  SER A HA   1 
ATOM 130 H HB2  . SER A 1 9  ? -0.521  -3.285  -0.479  1.00 0.00 ? 9  SER A HB2  1 
ATOM 131 H HB3  . SER A 1 9  ? 0.375   -4.396  0.535   1.00 0.00 ? 9  SER A HB3  1 
ATOM 132 H HG   . SER A 1 9  ? 1.807   -3.499  -0.915  1.00 0.00 ? 9  SER A HG   1 
ATOM 133 N N    . ARG A 1 10 ? -1.622  -6.237  -3.118  1.00 0.00 ? 10 ARG A N    1 
ATOM 134 C CA   . ARG A 1 10 ? -2.542  -6.442  -4.238  1.00 0.00 ? 10 ARG A CA   1 
ATOM 135 C C    . ARG A 1 10 ? -2.506  -5.351  -5.337  1.00 0.00 ? 10 ARG A C    1 
ATOM 136 O O    . ARG A 1 10 ? -3.534  -5.094  -5.964  1.00 0.00 ? 10 ARG A O    1 
ATOM 137 C CB   . ARG A 1 10 ? -3.970  -6.641  -3.681  1.00 0.00 ? 10 ARG A CB   1 
ATOM 138 C CG   . ARG A 1 10 ? -4.134  -7.708  -2.581  1.00 0.00 ? 10 ARG A CG   1 
ATOM 139 C CD   . ARG A 1 10 ? -5.536  -7.599  -1.948  1.00 0.00 ? 10 ARG A CD   1 
ATOM 140 N NE   . ARG A 1 10 ? -5.637  -8.316  -0.664  1.00 0.00 ? 10 ARG A NE   1 
ATOM 141 C CZ   . ARG A 1 10 ? -4.952  -8.004  0.453   1.00 0.00 ? 10 ARG A CZ   1 
ATOM 142 N NH1  . ARG A 1 10 ? -4.330  -6.827  0.574   1.00 0.00 ? 10 ARG A NH1  1 
ATOM 143 N NH2  . ARG A 1 10 ? -4.879  -8.873  1.470   1.00 0.00 ? 10 ARG A NH2  1 
ATOM 144 H H    . ARG A 1 10 ? -1.205  -7.089  -2.774  1.00 0.00 ? 10 ARG A H    1 
ATOM 145 H HA   . ARG A 1 10 ? -2.241  -7.377  -4.714  1.00 0.00 ? 10 ARG A HA   1 
ATOM 146 H HB2  . ARG A 1 10 ? -4.272  -5.694  -3.249  1.00 0.00 ? 10 ARG A HB2  1 
ATOM 147 H HB3  . ARG A 1 10 ? -4.659  -6.880  -4.493  1.00 0.00 ? 10 ARG A HB3  1 
ATOM 148 H HG2  . ARG A 1 10 ? -3.988  -8.705  -2.999  1.00 0.00 ? 10 ARG A HG2  1 
ATOM 149 H HG3  . ARG A 1 10 ? -3.379  -7.548  -1.812  1.00 0.00 ? 10 ARG A HG3  1 
ATOM 150 H HD2  . ARG A 1 10 ? -5.784  -6.551  -1.785  1.00 0.00 ? 10 ARG A HD2  1 
ATOM 151 H HD3  . ARG A 1 10 ? -6.271  -8.012  -2.641  1.00 0.00 ? 10 ARG A HD3  1 
ATOM 152 H HE   . ARG A 1 10 ? -6.212  -9.145  -0.658  1.00 0.00 ? 10 ARG A HE   1 
ATOM 153 H HH11 . ARG A 1 10 ? -4.553  -6.077  -0.064  1.00 0.00 ? 10 ARG A HH11 1 
ATOM 154 H HH12 . ARG A 1 10 ? -3.724  -6.648  1.360   1.00 0.00 ? 10 ARG A HH12 1 
ATOM 155 H HH21 . ARG A 1 10 ? -5.382  -9.746  1.432   1.00 0.00 ? 10 ARG A HH21 1 
ATOM 156 H HH22 . ARG A 1 10 ? -4.340  -8.638  2.292   1.00 0.00 ? 10 ARG A HH22 1 
ATOM 157 N N    . CYS A 1 11 ? -1.347  -4.713  -5.575  1.00 0.00 ? 11 CYS A N    1 
ATOM 158 C CA   . CYS A 1 11 ? -1.166  -3.553  -6.469  1.00 0.00 ? 11 CYS A CA   1 
ATOM 159 C C    . CYS A 1 11 ? -0.514  -3.940  -7.807  1.00 0.00 ? 11 CYS A C    1 
ATOM 160 O O    . CYS A 1 11 ? -0.256  -5.116  -8.067  1.00 0.00 ? 11 CYS A O    1 
ATOM 161 C CB   . CYS A 1 11 ? -0.328  -2.476  -5.749  1.00 0.00 ? 11 CYS A CB   1 
ATOM 162 S SG   . CYS A 1 11 ? -1.110  -0.878  -5.390  1.00 0.00 ? 11 CYS A SG   1 
ATOM 163 H H    . CYS A 1 11 ? -0.547  -4.971  -5.014  1.00 0.00 ? 11 CYS A H    1 
ATOM 164 H HA   . CYS A 1 11 ? -2.143  -3.124  -6.702  1.00 0.00 ? 11 CYS A HA   1 
ATOM 165 H HB2  . CYS A 1 11 ? -0.070  -2.870  -4.770  1.00 0.00 ? 11 CYS A HB2  1 
ATOM 166 H HB3  . CYS A 1 11 ? 0.619   -2.295  -6.256  1.00 0.00 ? 11 CYS A HB3  1 
ATOM 167 N N    . ALA A 1 12 ? -0.260  -2.927  -8.653  1.00 0.00 ? 12 ALA A N    1 
ATOM 168 C CA   . ALA A 1 12 ? 0.251   -3.067  -10.018 1.00 0.00 ? 12 ALA A CA   1 
ATOM 169 C C    . ALA A 1 12 ? 1.685   -2.532  -10.193 1.00 0.00 ? 12 ALA A C    1 
ATOM 170 O O    . ALA A 1 12 ? 2.237   -1.905  -9.287  1.00 0.00 ? 12 ALA A O    1 
ATOM 171 C CB   . ALA A 1 12 ? -0.738  -2.388  -10.978 1.00 0.00 ? 12 ALA A CB   1 
ATOM 172 H H    . ALA A 1 12 ? -0.537  -1.997  -8.373  1.00 0.00 ? 12 ALA A H    1 
ATOM 173 H HA   . ALA A 1 12 ? 0.271   -4.120  -10.285 1.00 0.00 ? 12 ALA A HA   1 
ATOM 174 H HB1  . ALA A 1 12 ? -1.762  -2.650  -10.711 1.00 0.00 ? 12 ALA A HB1  1 
ATOM 175 H HB2  . ALA A 1 12 ? -0.631  -1.302  -10.950 1.00 0.00 ? 12 ALA A HB2  1 
ATOM 176 H HB3  . ALA A 1 12 ? -0.567  -2.745  -11.993 1.00 0.00 ? 12 ALA A HB3  1 
ATOM 177 N N    . LYS A 1 13 ? 2.259   -2.782  -11.389 1.00 0.00 ? 13 LYS A N    1 
ATOM 178 C CA   . LYS A 1 13 ? 3.534   -2.272  -11.914 1.00 0.00 ? 13 LYS A CA   1 
ATOM 179 C C    . LYS A 1 13 ? 3.855   -0.852  -11.439 1.00 0.00 ? 13 LYS A C    1 
ATOM 180 O O    . LYS A 1 13 ? 4.948   -0.584  -10.947 1.00 0.00 ? 13 LYS A O    1 
ATOM 181 C CB   . LYS A 1 13 ? 3.602   -2.388  -13.457 1.00 0.00 ? 13 LYS A CB   1 
ATOM 182 C CG   . LYS A 1 13 ? 2.737   -1.426  -14.296 1.00 0.00 ? 13 LYS A CG   1 
ATOM 183 C CD   . LYS A 1 13 ? 1.229   -1.681  -14.178 1.00 0.00 ? 13 LYS A CD   1 
ATOM 184 C CE   . LYS A 1 13 ? 0.390   -0.576  -14.829 1.00 0.00 ? 13 LYS A CE   1 
ATOM 185 N NZ   . LYS A 1 13 ? 0.689   -0.424  -16.261 1.00 0.00 ? 13 LYS A NZ   1 
ATOM 186 H H    . LYS A 1 13 ? 1.725   -3.346  -12.033 1.00 0.00 ? 13 LYS A H    1 
ATOM 187 H HA   . LYS A 1 13 ? 4.302   -2.939  -11.538 1.00 0.00 ? 13 LYS A HA   1 
ATOM 188 H HB2  . LYS A 1 13 ? 4.638   -2.205  -13.751 1.00 0.00 ? 13 LYS A HB2  1 
ATOM 189 H HB3  . LYS A 1 13 ? 3.361   -3.409  -13.753 1.00 0.00 ? 13 LYS A HB3  1 
ATOM 190 H HG2  . LYS A 1 13 ? 2.954   -0.394  -14.038 1.00 0.00 ? 13 LYS A HG2  1 
ATOM 191 H HG3  . LYS A 1 13 ? 3.016   -1.552  -15.342 1.00 0.00 ? 13 LYS A HG3  1 
ATOM 192 H HD2  . LYS A 1 13 ? 0.989   -2.652  -14.617 1.00 0.00 ? 13 LYS A HD2  1 
ATOM 193 H HD3  . LYS A 1 13 ? 0.947   -1.681  -13.134 1.00 0.00 ? 13 LYS A HD3  1 
ATOM 194 H HE2  . LYS A 1 13 ? -0.666  -0.823  -14.713 1.00 0.00 ? 13 LYS A HE2  1 
ATOM 195 H HE3  . LYS A 1 13 ? 0.580   0.371   -14.325 1.00 0.00 ? 13 LYS A HE3  1 
ATOM 196 H HZ1  . LYS A 1 13 ? 0.527   -1.304  -16.731 1.00 0.00 ? 13 LYS A HZ1  1 
ATOM 197 H HZ2  . LYS A 1 13 ? 0.090   0.288   -16.653 1.00 0.00 ? 13 LYS A HZ2  1 
ATOM 198 H HZ3  . LYS A 1 13 ? 1.656   -0.153  -16.373 1.00 0.00 ? 13 LYS A HZ3  1 
ATOM 199 N N    . TYR A 1 14 ? 2.869   0.038   -11.566 1.00 0.00 ? 14 TYR A N    1 
ATOM 200 C CA   . TYR A 1 14 ? 2.828   1.362   -10.974 1.00 0.00 ? 14 TYR A CA   1 
ATOM 201 C C    . TYR A 1 14 ? 1.373   1.829   -10.931 1.00 0.00 ? 14 TYR A C    1 
ATOM 202 O O    . TYR A 1 14 ? 0.563   1.450   -11.780 1.00 0.00 ? 14 TYR A O    1 
ATOM 203 C CB   . TYR A 1 14 ? 3.715   2.366   -11.735 1.00 0.00 ? 14 TYR A CB   1 
ATOM 204 C CG   . TYR A 1 14 ? 3.773   2.194   -13.248 1.00 0.00 ? 14 TYR A CG   1 
ATOM 205 C CD1  . TYR A 1 14 ? 2.683   2.593   -14.055 1.00 0.00 ? 14 TYR A CD1  1 
ATOM 206 C CD2  . TYR A 1 14 ? 4.893   1.572   -13.848 1.00 0.00 ? 14 TYR A CD2  1 
ATOM 207 C CE1  . TYR A 1 14 ? 2.708   2.366   -15.448 1.00 0.00 ? 14 TYR A CE1  1 
ATOM 208 C CE2  . TYR A 1 14 ? 4.922   1.349   -15.241 1.00 0.00 ? 14 TYR A CE2  1 
ATOM 209 C CZ   . TYR A 1 14 ? 3.825   1.737   -16.041 1.00 0.00 ? 14 TYR A CZ   1 
ATOM 210 O OH   . TYR A 1 14 ? 3.837   1.504   -17.387 1.00 0.00 ? 14 TYR A OH   1 
ATOM 211 H H    . TYR A 1 14 ? 2.039   -0.253  -12.063 1.00 0.00 ? 14 TYR A H    1 
ATOM 212 H HA   . TYR A 1 14 ? 3.196   1.265   -9.950  1.00 0.00 ? 14 TYR A HA   1 
ATOM 213 H HB2  . TYR A 1 14 ? 3.373   3.379   -11.515 1.00 0.00 ? 14 TYR A HB2  1 
ATOM 214 H HB3  . TYR A 1 14 ? 4.726   2.291   -11.332 1.00 0.00 ? 14 TYR A HB3  1 
ATOM 215 H HD1  . TYR A 1 14 ? 1.822   3.072   -13.610 1.00 0.00 ? 14 TYR A HD1  1 
ATOM 216 H HD2  . TYR A 1 14 ? 5.728   1.251   -13.242 1.00 0.00 ? 14 TYR A HD2  1 
ATOM 217 H HE1  . TYR A 1 14 ? 1.870   2.671   -16.057 1.00 0.00 ? 14 TYR A HE1  1 
ATOM 218 H HE2  . TYR A 1 14 ? 5.781   0.871   -15.690 1.00 0.00 ? 14 TYR A HE2  1 
ATOM 219 H HH   . TYR A 1 14 ? 4.637   1.070   -17.694 1.00 0.00 ? 14 TYR A HH   1 
ATOM 220 N N    . GLY A 1 15 ? 1.043   2.659   -9.936  1.00 0.00 ? 15 GLY A N    1 
ATOM 221 C CA   . GLY A 1 15 ? -0.302  3.170   -9.768  1.00 0.00 ? 15 GLY A CA   1 
ATOM 222 C C    . GLY A 1 15 ? -0.607  3.608   -8.339  1.00 0.00 ? 15 GLY A C    1 
ATOM 223 O O    . GLY A 1 15 ? 0.256   4.075   -7.598  1.00 0.00 ? 15 GLY A O    1 
ATOM 224 H H    . GLY A 1 15 ? 1.725   2.872   -9.219  1.00 0.00 ? 15 GLY A H    1 
ATOM 225 H HA2  . GLY A 1 15 ? -0.435  4.023   -10.430 1.00 0.00 ? 15 GLY A HA2  1 
ATOM 226 H HA3  . GLY A 1 15 ? -1.012  2.385   -10.044 1.00 0.00 ? 15 GLY A HA3  1 
ATOM 227 N N    . TYR A 1 16 ? -1.885  3.445   -7.998  1.00 0.00 ? 16 TYR A N    1 
ATOM 228 C CA   . TYR A 1 16 ? -2.513  3.746   -6.735  1.00 0.00 ? 16 TYR A CA   1 
ATOM 229 C C    . TYR A 1 16 ? -3.600  2.696   -6.485  1.00 0.00 ? 16 TYR A C    1 
ATOM 230 O O    . TYR A 1 16 ? -4.014  1.976   -7.398  1.00 0.00 ? 16 TYR A O    1 
ATOM 231 C CB   . TYR A 1 16 ? -3.076  5.179   -6.738  1.00 0.00 ? 16 TYR A CB   1 
ATOM 232 C CG   . TYR A 1 16 ? -4.176  5.436   -7.759  1.00 0.00 ? 16 TYR A CG   1 
ATOM 233 C CD1  . TYR A 1 16 ? -3.846  5.811   -9.081  1.00 0.00 ? 16 TYR A CD1  1 
ATOM 234 C CD2  . TYR A 1 16 ? -5.531  5.222   -7.411  1.00 0.00 ? 16 TYR A CD2  1 
ATOM 235 C CE1  . TYR A 1 16 ? -4.860  5.982   -10.046 1.00 0.00 ? 16 TYR A CE1  1 
ATOM 236 C CE2  . TYR A 1 16 ? -6.546  5.393   -8.377  1.00 0.00 ? 16 TYR A CE2  1 
ATOM 237 C CZ   . TYR A 1 16 ? -6.211  5.773   -9.695  1.00 0.00 ? 16 TYR A CZ   1 
ATOM 238 O OH   . TYR A 1 16 ? -7.191  5.937   -10.632 1.00 0.00 ? 16 TYR A OH   1 
ATOM 239 H H    . TYR A 1 16 ? -2.500  3.057   -8.700  1.00 0.00 ? 16 TYR A H    1 
ATOM 240 H HA   . TYR A 1 16 ? -1.768  3.666   -5.940  1.00 0.00 ? 16 TYR A HA   1 
ATOM 241 H HB2  . TYR A 1 16 ? -3.461  5.401   -5.740  1.00 0.00 ? 16 TYR A HB2  1 
ATOM 242 H HB3  . TYR A 1 16 ? -2.255  5.878   -6.917  1.00 0.00 ? 16 TYR A HB3  1 
ATOM 243 H HD1  . TYR A 1 16 ? -2.812  5.963   -9.360  1.00 0.00 ? 16 TYR A HD1  1 
ATOM 244 H HD2  . TYR A 1 16 ? -5.795  4.919   -6.408  1.00 0.00 ? 16 TYR A HD2  1 
ATOM 245 H HE1  . TYR A 1 16 ? -4.598  6.271   -11.054 1.00 0.00 ? 16 TYR A HE1  1 
ATOM 246 H HE2  . TYR A 1 16 ? -7.578  5.227   -8.102  1.00 0.00 ? 16 TYR A HE2  1 
ATOM 247 H HH   . TYR A 1 16 ? -8.075  5.772   -10.297 1.00 0.00 ? 16 TYR A HH   1 
ATOM 248 N N    . TYR A 1 17 ? -4.035  2.591   -5.224  1.00 0.00 ? 17 TYR A N    1 
ATOM 249 C CA   . TYR A 1 17 ? -4.885  1.514   -4.756  1.00 0.00 ? 17 TYR A CA   1 
ATOM 250 C C    . TYR A 1 17 ? -5.447  1.913   -3.392  1.00 0.00 ? 17 TYR A C    1 
ATOM 251 O O    . TYR A 1 17 ? -4.701  2.041   -2.422  1.00 0.00 ? 17 TYR A O    1 
ATOM 252 C CB   . TYR A 1 17 ? -4.048  0.229   -4.705  1.00 0.00 ? 17 TYR A CB   1 
ATOM 253 C CG   . TYR A 1 17 ? -4.798  -1.055  -4.426  1.00 0.00 ? 17 TYR A CG   1 
ATOM 254 C CD1  . TYR A 1 17 ? -5.845  -1.461  -5.284  1.00 0.00 ? 17 TYR A CD1  1 
ATOM 255 C CD2  . TYR A 1 17 ? -4.361  -1.916  -3.399  1.00 0.00 ? 17 TYR A CD2  1 
ATOM 256 C CE1  . TYR A 1 17 ? -6.508  -2.686  -5.061  1.00 0.00 ? 17 TYR A CE1  1 
ATOM 257 C CE2  . TYR A 1 17 ? -5.016  -3.143  -3.187  1.00 0.00 ? 17 TYR A CE2  1 
ATOM 258 C CZ   . TYR A 1 17 ? -6.102  -3.523  -4.001  1.00 0.00 ? 17 TYR A CZ   1 
ATOM 259 O OH   . TYR A 1 17 ? -6.759  -4.696  -3.760  1.00 0.00 ? 17 TYR A OH   1 
ATOM 260 H H    . TYR A 1 17 ? -3.677  3.233   -4.531  1.00 0.00 ? 17 TYR A H    1 
ATOM 261 H HA   . TYR A 1 17 ? -5.697  1.376   -5.471  1.00 0.00 ? 17 TYR A HA   1 
ATOM 262 H HB2  . TYR A 1 17 ? -3.598  0.086   -5.684  1.00 0.00 ? 17 TYR A HB2  1 
ATOM 263 H HB3  . TYR A 1 17 ? -3.245  0.368   -3.981  1.00 0.00 ? 17 TYR A HB3  1 
ATOM 264 H HD1  . TYR A 1 17 ? -6.142  -0.840  -6.117  1.00 0.00 ? 17 TYR A HD1  1 
ATOM 265 H HD2  . TYR A 1 17 ? -3.529  -1.646  -2.767  1.00 0.00 ? 17 TYR A HD2  1 
ATOM 266 H HE1  . TYR A 1 17 ? -7.327  -2.976  -5.705  1.00 0.00 ? 17 TYR A HE1  1 
ATOM 267 H HE2  . TYR A 1 17 ? -4.690  -3.765  -2.373  1.00 0.00 ? 17 TYR A HE2  1 
ATOM 268 H HH   . TYR A 1 17 ? -7.481  -4.864  -4.369  1.00 0.00 ? 17 TYR A HH   1 
ATOM 269 N N    . GLN A 1 18 ? -6.765  2.141   -3.339  1.00 0.00 ? 18 GLN A N    1 
ATOM 270 C CA   . GLN A 1 18 ? -7.472  2.676   -2.180  1.00 0.00 ? 18 GLN A CA   1 
ATOM 271 C C    . GLN A 1 18 ? -7.361  1.788   -0.927  1.00 0.00 ? 18 GLN A C    1 
ATOM 272 O O    . GLN A 1 18 ? -7.393  2.310   0.187   1.00 0.00 ? 18 GLN A O    1 
ATOM 273 C CB   . GLN A 1 18 ? -8.933  2.954   -2.556  1.00 0.00 ? 18 GLN A CB   1 
ATOM 274 C CG   . GLN A 1 18 ? -9.667  3.711   -1.437  1.00 0.00 ? 18 GLN A CG   1 
ATOM 275 C CD   . GLN A 1 18 ? -11.040 4.193   -1.902  1.00 0.00 ? 18 GLN A CD   1 
ATOM 276 O OE1  . GLN A 1 18 ? -12.060 3.593   -1.568  1.00 0.00 ? 18 GLN A OE1  1 
ATOM 277 N NE2  . GLN A 1 18 ? -11.068 5.279   -2.680  1.00 0.00 ? 18 GLN A NE2  1 
ATOM 278 H H    . GLN A 1 18 ? -7.305  2.006   -4.181  1.00 0.00 ? 18 GLN A H    1 
ATOM 279 H HA   . GLN A 1 18 ? -7.025  3.647   -1.973  1.00 0.00 ? 18 GLN A HA   1 
ATOM 280 H HB2  . GLN A 1 18 ? -8.941  3.567   -3.459  1.00 0.00 ? 18 GLN A HB2  1 
ATOM 281 H HB3  . GLN A 1 18 ? -9.450  2.016   -2.768  1.00 0.00 ? 18 GLN A HB3  1 
ATOM 282 H HG2  . GLN A 1 18 ? -9.790  3.059   -0.571  1.00 0.00 ? 18 GLN A HG2  1 
ATOM 283 H HG3  . GLN A 1 18 ? -9.072  4.574   -1.126  1.00 0.00 ? 18 GLN A HG3  1 
ATOM 284 H HE21 . GLN A 1 18 ? -10.206 5.741   -2.933  1.00 0.00 ? 18 GLN A HE21 1 
ATOM 285 H HE22 . GLN A 1 18 ? -11.952 5.634   -3.016  1.00 0.00 ? 18 GLN A HE22 1 
ATOM 286 N N    . GLU A 1 19 ? -7.230  0.462   -1.094  1.00 0.00 ? 19 GLU A N    1 
ATOM 287 C CA   . GLU A 1 19 ? -7.104  -0.490  0.004   1.00 0.00 ? 19 GLU A CA   1 
ATOM 288 C C    . GLU A 1 19 ? -5.874  -0.168  0.864   1.00 0.00 ? 19 GLU A C    1 
ATOM 289 O O    . GLU A 1 19 ? -6.026  0.213   2.023   1.00 0.00 ? 19 GLU A O    1 
ATOM 290 C CB   . GLU A 1 19 ? -7.038  -1.915  -0.557  1.00 0.00 ? 19 GLU A CB   1 
ATOM 291 C CG   . GLU A 1 19 ? -7.050  -2.967  0.559   1.00 0.00 ? 19 GLU A CG   1 
ATOM 292 C CD   . GLU A 1 19 ? -6.621  -4.314  -0.001  1.00 0.00 ? 19 GLU A CD   1 
ATOM 293 O OE1  . GLU A 1 19 ? -5.392  -4.459  -0.157  1.00 0.00 ? 19 GLU A OE1  1 
ATOM 294 O OE2  . GLU A 1 19 ? -7.507  -5.151  -0.282  1.00 0.00 ? 19 GLU A OE2  1 
ATOM 295 H H    . GLU A 1 19 ? -7.206  0.089   -2.032  1.00 0.00 ? 19 GLU A H    1 
ATOM 296 H HA   . GLU A 1 19 ? -8.004  -0.420  0.619   1.00 0.00 ? 19 GLU A HA   1 
ATOM 297 H HB2  . GLU A 1 19 ? -7.884  -2.101  -1.222  1.00 0.00 ? 19 GLU A HB2  1 
ATOM 298 H HB3  . GLU A 1 19 ? -6.125  -2.006  -1.142  1.00 0.00 ? 19 GLU A HB3  1 
ATOM 299 H HG2  . GLU A 1 19 ? -6.338  -2.704  1.343   1.00 0.00 ? 19 GLU A HG2  1 
ATOM 300 H HG3  . GLU A 1 19 ? -8.043  -3.032  1.008   1.00 0.00 ? 19 GLU A HG3  1 
ATOM 301 N N    . CYS A 1 20 ? -4.664  -0.317  0.293   1.00 0.00 ? 20 CYS A N    1 
ATOM 302 C CA   . CYS A 1 20 ? -3.401  -0.045  0.979   1.00 0.00 ? 20 CYS A CA   1 
ATOM 303 C C    . CYS A 1 20 ? -3.329  1.400   1.478   1.00 0.00 ? 20 CYS A C    1 
ATOM 304 O O    . CYS A 1 20 ? -2.868  1.629   2.589   1.00 0.00 ? 20 CYS A O    1 
ATOM 305 C CB   . CYS A 1 20 ? -2.204  -0.350  0.074   1.00 0.00 ? 20 CYS A CB   1 
ATOM 306 S SG   . CYS A 1 20 ? -2.118  0.633   -1.449  1.00 0.00 ? 20 CYS A SG   1 
ATOM 307 H H    . CYS A 1 20 ? -4.615  -0.606  -0.673  1.00 0.00 ? 20 CYS A H    1 
ATOM 308 H HA   . CYS A 1 20 ? -3.345  -0.718  1.836   1.00 0.00 ? 20 CYS A HA   1 
ATOM 309 H HB2  . CYS A 1 20 ? -1.294  -0.177  0.652   1.00 0.00 ? 20 CYS A HB2  1 
ATOM 310 H HB3  . CYS A 1 20 ? -2.226  -1.405  -0.201  1.00 0.00 ? 20 CYS A HB3  1 
ATOM 311 N N    . GLN A 1 21 ? -3.802  2.359   0.670   1.00 0.00 ? 21 GLN A N    1 
ATOM 312 C CA   . GLN A 1 21 ? -3.979  3.764   1.012   1.00 0.00 ? 21 GLN A CA   1 
ATOM 313 C C    . GLN A 1 21 ? -4.645  3.901   2.385   1.00 0.00 ? 21 GLN A C    1 
ATOM 314 O O    . GLN A 1 21 ? -4.026  4.425   3.310   1.00 0.00 ? 21 GLN A O    1 
ATOM 315 C CB   . GLN A 1 21 ? -4.768  4.446   -0.131  1.00 0.00 ? 21 GLN A CB   1 
ATOM 316 C CG   . GLN A 1 21 ? -5.677  5.653   0.182   1.00 0.00 ? 21 GLN A CG   1 
ATOM 317 C CD   . GLN A 1 21 ? -4.915  6.943   0.484   1.00 0.00 ? 21 GLN A CD   1 
ATOM 318 O OE1  . GLN A 1 21 ? -5.261  8.010   -0.020  1.00 0.00 ? 21 GLN A OE1  1 
ATOM 319 N NE2  . GLN A 1 21 ? -3.880  6.856   1.320   1.00 0.00 ? 21 GLN A NE2  1 
ATOM 320 H H    . GLN A 1 21 ? -4.151  2.078   -0.236  1.00 0.00 ? 21 GLN A H    1 
ATOM 321 H HA   . GLN A 1 21 ? -2.984  4.205   1.073   1.00 0.00 ? 21 GLN A HA   1 
ATOM 322 H HB2  . GLN A 1 21 ? -4.066  4.711   -0.923  1.00 0.00 ? 21 GLN A HB2  1 
ATOM 323 H HB3  . GLN A 1 21 ? -5.438  3.700   -0.541  1.00 0.00 ? 21 GLN A HB3  1 
ATOM 324 H HG2  . GLN A 1 21 ? -6.324  5.809   -0.684  1.00 0.00 ? 21 GLN A HG2  1 
ATOM 325 H HG3  . GLN A 1 21 ? -6.339  5.436   1.017   1.00 0.00 ? 21 GLN A HG3  1 
ATOM 326 H HE21 . GLN A 1 21 ? -3.637  5.967   1.732   1.00 0.00 ? 21 GLN A HE21 1 
ATOM 327 H HE22 . GLN A 1 21 ? -3.343  7.680   1.541   1.00 0.00 ? 21 GLN A HE22 1 
ATOM 328 N N    . ASP A 1 22 ? -5.889  3.420   2.518   1.00 0.00 ? 22 ASP A N    1 
ATOM 329 C CA   . ASP A 1 22 ? -6.701  3.607   3.715   1.00 0.00 ? 22 ASP A CA   1 
ATOM 330 C C    . ASP A 1 22 ? -6.136  2.830   4.913   1.00 0.00 ? 22 ASP A C    1 
ATOM 331 O O    . ASP A 1 22 ? -6.122  3.346   6.030   1.00 0.00 ? 22 ASP A O    1 
ATOM 332 C CB   . ASP A 1 22 ? -8.167  3.250   3.426   1.00 0.00 ? 22 ASP A CB   1 
ATOM 333 C CG   . ASP A 1 22 ? -9.100  3.904   4.449   1.00 0.00 ? 22 ASP A CG   1 
ATOM 334 O OD1  . ASP A 1 22 ? -9.407  5.100   4.253   1.00 0.00 ? 22 ASP A OD1  1 
ATOM 335 O OD2  . ASP A 1 22 ? -9.479  3.211   5.417   1.00 0.00 ? 22 ASP A OD2  1 
ATOM 336 H H    . ASP A 1 22 ? -6.316  2.949   1.733   1.00 0.00 ? 22 ASP A H    1 
ATOM 337 H HA   . ASP A 1 22 ? -6.659  4.672   3.949   1.00 0.00 ? 22 ASP A HA   1 
ATOM 338 H HB2  . ASP A 1 22 ? -8.442  3.615   2.434   1.00 0.00 ? 22 ASP A HB2  1 
ATOM 339 H HB3  . ASP A 1 22 ? -8.297  2.166   3.425   1.00 0.00 ? 22 ASP A HB3  1 
ATOM 340 N N    . CYS A 1 23 ? -5.634  1.609   4.670   1.00 0.00 ? 23 CYS A N    1 
ATOM 341 C CA   . CYS A 1 23 ? -4.888  0.809   5.636   1.00 0.00 ? 23 CYS A CA   1 
ATOM 342 C C    . CYS A 1 23 ? -3.715  1.606   6.222   1.00 0.00 ? 23 CYS A C    1 
ATOM 343 O O    . CYS A 1 23 ? -3.504  1.605   7.431   1.00 0.00 ? 23 CYS A O    1 
ATOM 344 C CB   . CYS A 1 23 ? -4.353  -0.452  4.942   1.00 0.00 ? 23 CYS A CB   1 
ATOM 345 S SG   . CYS A 1 23 ? -3.718  -1.712  6.073   1.00 0.00 ? 23 CYS A SG   1 
ATOM 346 H H    . CYS A 1 23 ? -5.678  1.255   3.724   1.00 0.00 ? 23 CYS A H    1 
ATOM 347 H HA   . CYS A 1 23 ? -5.580  0.515   6.431   1.00 0.00 ? 23 CYS A HA   1 
ATOM 348 H HB2  . CYS A 1 23 ? -5.147  -0.910  4.353   1.00 0.00 ? 23 CYS A HB2  1 
ATOM 349 H HB3  . CYS A 1 23 ? -3.547  -0.185  4.257   1.00 0.00 ? 23 CYS A HB3  1 
ATOM 350 N N    . CYS A 1 24 ? -2.955  2.275   5.346   1.00 0.00 ? 24 CYS A N    1 
ATOM 351 C CA   . CYS A 1 24 ? -1.770  3.053   5.675   1.00 0.00 ? 24 CYS A CA   1 
ATOM 352 C C    . CYS A 1 24 ? -2.085  4.349   6.435   1.00 0.00 ? 24 CYS A C    1 
ATOM 353 O O    . CYS A 1 24 ? -1.279  4.747   7.276   1.00 0.00 ? 24 CYS A O    1 
ATOM 354 C CB   . CYS A 1 24 ? -0.917  3.264   4.418   1.00 0.00 ? 24 CYS A CB   1 
ATOM 355 S SG   . CYS A 1 24 ? -0.082  1.726   3.924   1.00 0.00 ? 24 CYS A SG   1 
ATOM 356 H H    . CYS A 1 24 ? -3.197  2.218   4.368   1.00 0.00 ? 24 CYS A H    1 
ATOM 357 H HA   . CYS A 1 24 ? -1.174  2.435   6.345   1.00 0.00 ? 24 CYS A HA   1 
ATOM 358 H HB2  . CYS A 1 24 ? -1.529  3.634   3.595   1.00 0.00 ? 24 CYS A HB2  1 
ATOM 359 H HB3  . CYS A 1 24 ? -0.155  4.015   4.621   1.00 0.00 ? 24 CYS A HB3  1 
ATOM 360 N N    . LYS A 1 25 ? -3.256  4.976   6.215   1.00 0.00 ? 25 LYS A N    1 
ATOM 361 C CA   . LYS A 1 25 ? -3.752  6.033   7.106   1.00 0.00 ? 25 LYS A CA   1 
ATOM 362 C C    . LYS A 1 25 ? -3.820  5.527   8.554   1.00 0.00 ? 25 LYS A C    1 
ATOM 363 O O    . LYS A 1 25 ? -3.331  6.190   9.466   1.00 0.00 ? 25 LYS A O    1 
ATOM 364 C CB   . LYS A 1 25 ? -5.156  6.516   6.715   1.00 0.00 ? 25 LYS A CB   1 
ATOM 365 C CG   . LYS A 1 25 ? -5.269  7.014   5.274   1.00 0.00 ? 25 LYS A CG   1 
ATOM 366 C CD   . LYS A 1 25 ? -6.729  7.389   4.996   1.00 0.00 ? 25 LYS A CD   1 
ATOM 367 C CE   . LYS A 1 25 ? -6.977  7.618   3.502   1.00 0.00 ? 25 LYS A CE   1 
ATOM 368 N NZ   . LYS A 1 25 ? -8.418  7.622   3.201   1.00 0.00 ? 25 LYS A NZ   1 
ATOM 369 H H    . LYS A 1 25 ? -3.876  4.633   5.493   1.00 0.00 ? 25 LYS A H    1 
ATOM 370 H HA   . LYS A 1 25 ? -3.067  6.881   7.039   1.00 0.00 ? 25 LYS A HA   1 
ATOM 371 H HB2  . LYS A 1 25 ? -5.876  5.711   6.867   1.00 0.00 ? 25 LYS A HB2  1 
ATOM 372 H HB3  . LYS A 1 25 ? -5.438  7.334   7.382   1.00 0.00 ? 25 LYS A HB3  1 
ATOM 373 H HG2  . LYS A 1 25 ? -4.608  7.868   5.112   1.00 0.00 ? 25 LYS A HG2  1 
ATOM 374 H HG3  . LYS A 1 25 ? -4.979  6.213   4.603   1.00 0.00 ? 25 LYS A HG3  1 
ATOM 375 H HD2  . LYS A 1 25 ? -7.364  6.570   5.337   1.00 0.00 ? 25 LYS A HD2  1 
ATOM 376 H HD3  . LYS A 1 25 ? -6.990  8.286   5.562   1.00 0.00 ? 25 LYS A HD3  1 
ATOM 377 H HE2  . LYS A 1 25 ? -6.536  8.566   3.193   1.00 0.00 ? 25 LYS A HE2  1 
ATOM 378 H HE3  . LYS A 1 25 ? -6.521  6.813   2.928   1.00 0.00 ? 25 LYS A HE3  1 
ATOM 379 H HZ1  . LYS A 1 25 ? -8.809  6.736   3.492   1.00 0.00 ? 25 LYS A HZ1  1 
ATOM 380 H HZ2  . LYS A 1 25 ? -8.872  8.367   3.711   1.00 0.00 ? 25 LYS A HZ2  1 
ATOM 381 H HZ3  . LYS A 1 25 ? -8.564  7.742   2.209   1.00 0.00 ? 25 LYS A HZ3  1 
ATOM 382 N N    . ASN A 1 26 ? -4.447  4.354   8.744   1.00 0.00 ? 26 ASN A N    1 
ATOM 383 C CA   . ASN A 1 26 ? -4.687  3.729   10.040  1.00 0.00 ? 26 ASN A CA   1 
ATOM 384 C C    . ASN A 1 26 ? -3.364  3.338   10.708  1.00 0.00 ? 26 ASN A C    1 
ATOM 385 O O    . ASN A 1 26 ? -3.148  3.652   11.878  1.00 0.00 ? 26 ASN A O    1 
ATOM 386 C CB   . ASN A 1 26 ? -5.601  2.505   9.864   1.00 0.00 ? 26 ASN A CB   1 
ATOM 387 C CG   . ASN A 1 26 ? -6.142  2.015   11.208  1.00 0.00 ? 26 ASN A CG   1 
ATOM 388 O OD1  . ASN A 1 26 ? -7.247  2.381   11.603  1.00 0.00 ? 26 ASN A OD1  1 
ATOM 389 N ND2  . ASN A 1 26 ? -5.363  1.193   11.919  1.00 0.00 ? 26 ASN A ND2  1 
ATOM 390 H H    . ASN A 1 26 ? -4.775  3.850   7.932   1.00 0.00 ? 26 ASN A H    1 
ATOM 391 H HA   . ASN A 1 26 ? -5.206  4.466   10.658  1.00 0.00 ? 26 ASN A HA   1 
ATOM 392 H HB2  . ASN A 1 26 ? -6.443  2.768   9.220   1.00 0.00 ? 26 ASN A HB2  1 
ATOM 393 H HB3  . ASN A 1 26 ? -5.060  1.691   9.378   1.00 0.00 ? 26 ASN A HB3  1 
ATOM 394 H HD21 . ASN A 1 26 ? -4.456  0.924   11.567  1.00 0.00 ? 26 ASN A HD21 1 
ATOM 395 H HD22 . ASN A 1 26 ? -5.682  0.851   12.814  1.00 0.00 ? 26 ASN A HD22 1 
ATOM 396 N N    . ALA A 1 27 ? -2.479  2.675   9.946   1.00 0.00 ? 27 ALA A N    1 
ATOM 397 C CA   . ALA A 1 27 ? -1.108  2.356   10.326  1.00 0.00 ? 27 ALA A CA   1 
ATOM 398 C C    . ALA A 1 27 ? -0.347  3.595   10.822  1.00 0.00 ? 27 ALA A C    1 
ATOM 399 O O    . ALA A 1 27 ? 0.517   3.478   11.690  1.00 0.00 ? 27 ALA A O    1 
ATOM 400 C CB   . ALA A 1 27 ? -0.377  1.758   9.119   1.00 0.00 ? 27 ALA A CB   1 
ATOM 401 H H    . ALA A 1 27 ? -2.741  2.468   8.993   1.00 0.00 ? 27 ALA A H    1 
ATOM 402 H HA   . ALA A 1 27 ? -1.145  1.607   11.119  1.00 0.00 ? 27 ALA A HA   1 
ATOM 403 H HB1  . ALA A 1 27 ? -0.929  0.909   8.716   1.00 0.00 ? 27 ALA A HB1  1 
ATOM 404 H HB2  . ALA A 1 27 ? -0.263  2.511   8.342   1.00 0.00 ? 27 ALA A HB2  1 
ATOM 405 H HB3  . ALA A 1 27 ? 0.619   1.429   9.415   1.00 0.00 ? 27 ALA A HB3  1 
ATOM 406 N N    . GLY A 1 28 ? -0.667  4.770   10.257  1.00 0.00 ? 28 GLY A N    1 
ATOM 407 C CA   . GLY A 1 28 ? -0.062  6.051   10.578  1.00 0.00 ? 28 GLY A CA   1 
ATOM 408 C C    . GLY A 1 28 ? 1.156   6.373   9.706   1.00 0.00 ? 28 GLY A C    1 
ATOM 409 O O    . GLY A 1 28 ? 1.837   7.361   9.983   1.00 0.00 ? 28 GLY A O    1 
ATOM 410 H H    . GLY A 1 28 ? -1.364  4.776   9.524   1.00 0.00 ? 28 GLY A H    1 
ATOM 411 H HA2  . GLY A 1 28 ? -0.817  6.821   10.412  1.00 0.00 ? 28 GLY A HA2  1 
ATOM 412 H HA3  . GLY A 1 28 ? 0.226   6.084   11.630  1.00 0.00 ? 28 GLY A HA3  1 
ATOM 413 N N    . HIS A 1 29 ? 1.417   5.585   8.648   1.00 0.00 ? 29 HIS A N    1 
ATOM 414 C CA   . HIS A 1 29 ? 2.423   5.870   7.630   1.00 0.00 ? 29 HIS A CA   1 
ATOM 415 C C    . HIS A 1 29 ? 2.148   7.252   7.023   1.00 0.00 ? 29 HIS A C    1 
ATOM 416 O O    . HIS A 1 29 ? 2.917   8.188   7.241   1.00 0.00 ? 29 HIS A O    1 
ATOM 417 C CB   . HIS A 1 29 ? 2.379   4.775   6.545   1.00 0.00 ? 29 HIS A CB   1 
ATOM 418 C CG   . HIS A 1 29 ? 2.885   3.429   6.994   1.00 0.00 ? 29 HIS A CG   1 
ATOM 419 N ND1  . HIS A 1 29 ? 4.149   3.281   7.566   1.00 0.00 ? 29 HIS A ND1  1 
ATOM 420 C CD2  . HIS A 1 29 ? 2.290   2.198   6.910   1.00 0.00 ? 29 HIS A CD2  1 
ATOM 421 C CE1  . HIS A 1 29 ? 4.266   1.972   7.798   1.00 0.00 ? 29 HIS A CE1  1 
ATOM 422 N NE2  . HIS A 1 29 ? 3.180   1.278   7.418   1.00 0.00 ? 29 HIS A NE2  1 
ATOM 423 H H    . HIS A 1 29 ? 0.826   4.784   8.479   1.00 0.00 ? 29 HIS A H    1 
ATOM 424 H HA   . HIS A 1 29 ? 3.405   5.875   8.108   1.00 0.00 ? 29 HIS A HA   1 
ATOM 425 H HB2  . HIS A 1 29 ? 1.359   4.650   6.181   1.00 0.00 ? 29 HIS A HB2  1 
ATOM 426 H HB3  . HIS A 1 29 ? 2.988   5.086   5.698   1.00 0.00 ? 29 HIS A HB3  1 
ATOM 427 H HD2  . HIS A 1 29 ? 1.313   1.985   6.505   1.00 0.00 ? 29 HIS A HD2  1 
ATOM 428 H HE1  . HIS A 1 29 ? 5.146   1.522   8.232   1.00 0.00 ? 29 HIS A HE1  1 
ATOM 429 H HE2  . HIS A 1 29 ? 3.040   0.280   7.479   1.00 0.00 ? 29 HIS A HE2  1 
ATOM 430 N N    . ASN A 1 30 ? 1.025   7.345   6.297   1.00 0.00 ? 30 ASN A N    1 
ATOM 431 C CA   . ASN A 1 30 ? 0.420   8.516   5.670   1.00 0.00 ? 30 ASN A CA   1 
ATOM 432 C C    . ASN A 1 30 ? -0.641  7.987   4.699   1.00 0.00 ? 30 ASN A C    1 
ATOM 433 O O    . ASN A 1 30 ? -1.836  8.226   4.866   1.00 0.00 ? 30 ASN A O    1 
ATOM 434 C CB   . ASN A 1 30 ? 1.450   9.410   4.945   1.00 0.00 ? 30 ASN A CB   1 
ATOM 435 C CG   . ASN A 1 30 ? 0.768   10.523  4.141   1.00 0.00 ? 30 ASN A CG   1 
ATOM 436 O OD1  . ASN A 1 30 ? 0.370   11.541  4.703   1.00 0.00 ? 30 ASN A OD1  1 
ATOM 437 N ND2  . ASN A 1 30 ? 0.615   10.325  2.828   1.00 0.00 ? 30 ASN A ND2  1 
ATOM 438 H H    . ASN A 1 30 ? 0.493   6.493   6.196   1.00 0.00 ? 30 ASN A H    1 
ATOM 439 H HA   . ASN A 1 30 ? -0.071  9.100   6.449   1.00 0.00 ? 30 ASN A HA   1 
ATOM 440 H HB2  . ASN A 1 30 ? 2.104   9.891   5.674   1.00 0.00 ? 30 ASN A HB2  1 
ATOM 441 H HB3  . ASN A 1 30 ? 2.077   8.808   4.283   1.00 0.00 ? 30 ASN A HB3  1 
ATOM 442 H HD21 . ASN A 1 30 ? 0.943   9.470   2.404   1.00 0.00 ? 30 ASN A HD21 1 
ATOM 443 H HD22 . ASN A 1 30 ? 0.156   11.027  2.264   1.00 0.00 ? 30 ASN A HD22 1 
ATOM 444 N N    . GLY A 1 31 ? -0.166  7.265   3.681   1.00 0.00 ? 31 GLY A N    1 
ATOM 445 C CA   . GLY A 1 31 ? -0.949  6.679   2.615   1.00 0.00 ? 31 GLY A CA   1 
ATOM 446 C C    . GLY A 1 31 ? -0.050  5.809   1.740   1.00 0.00 ? 31 GLY A C    1 
ATOM 447 O O    . GLY A 1 31 ? 1.115   5.576   2.068   1.00 0.00 ? 31 GLY A O    1 
ATOM 448 H H    . GLY A 1 31 ? 0.832   7.111   3.631   1.00 0.00 ? 31 GLY A H    1 
ATOM 449 H HA2  . GLY A 1 31 ? -1.747  6.066   3.039   1.00 0.00 ? 31 GLY A HA2  1 
ATOM 450 H HA3  . GLY A 1 31 ? -1.377  7.481   2.016   1.00 0.00 ? 31 GLY A HA3  1 
ATOM 451 N N    . GLY A 1 32 ? -0.604  5.324   0.625   1.00 0.00 ? 32 GLY A N    1 
ATOM 452 C CA   . GLY A 1 32 ? 0.028   4.334   -0.232  1.00 0.00 ? 32 GLY A CA   1 
ATOM 453 C C    . GLY A 1 32 ? 0.165   4.797   -1.681  1.00 0.00 ? 32 GLY A C    1 
ATOM 454 O O    . GLY A 1 32 ? -0.515  5.718   -2.136  1.00 0.00 ? 32 GLY A O    1 
ATOM 455 H H    . GLY A 1 32 ? -1.544  5.606   0.391   1.00 0.00 ? 32 GLY A H    1 
ATOM 456 H HA2  . GLY A 1 32 ? 1.017   4.077   0.144   1.00 0.00 ? 32 GLY A HA2  1 
ATOM 457 H HA3  . GLY A 1 32 ? -0.586  3.434   -0.208  1.00 0.00 ? 32 GLY A HA3  1 
ATOM 458 N N    . THR A 1 33 ? 1.062   4.107   -2.397  1.00 0.00 ? 33 THR A N    1 
ATOM 459 C CA   . THR A 1 33 ? 1.321   4.217   -3.829  1.00 0.00 ? 33 THR A CA   1 
ATOM 460 C C    . THR A 1 33 ? 1.841   2.856   -4.327  1.00 0.00 ? 33 THR A C    1 
ATOM 461 O O    . THR A 1 33 ? 2.600   2.187   -3.622  1.00 0.00 ? 33 THR A O    1 
ATOM 462 C CB   . THR A 1 33 ? 2.317   5.369   -4.101  1.00 0.00 ? 33 THR A CB   1 
ATOM 463 O OG1  . THR A 1 33 ? 1.664   6.614   -3.940  1.00 0.00 ? 33 THR A OG1  1 
ATOM 464 C CG2  . THR A 1 33 ? 2.905   5.314   -5.520  1.00 0.00 ? 33 THR A CG2  1 
ATOM 465 H H    . THR A 1 33 ? 1.595   3.403   -1.904  1.00 0.00 ? 33 THR A H    1 
ATOM 466 H HA   . THR A 1 33 ? 0.377   4.437   -4.338  1.00 0.00 ? 33 THR A HA   1 
ATOM 467 H HB   . THR A 1 33 ? 3.147   5.330   -3.392  1.00 0.00 ? 33 THR A HB   1 
ATOM 468 H HG1  . THR A 1 33 ? 1.143   6.596   -3.134  1.00 0.00 ? 33 THR A HG1  1 
ATOM 469 H HG21 . THR A 1 33 ? 3.510   6.199   -5.720  1.00 0.00 ? 33 THR A HG21 1 
ATOM 470 H HG22 . THR A 1 33 ? 3.543   4.436   -5.626  1.00 0.00 ? 33 THR A HG22 1 
ATOM 471 H HG23 . THR A 1 33 ? 2.102   5.264   -6.252  1.00 0.00 ? 33 THR A HG23 1 
ATOM 472 N N    . CYS A 1 34 ? 1.443   2.453   -5.549  1.00 0.00 ? 34 CYS A N    1 
ATOM 473 C CA   . CYS A 1 34 ? 1.905   1.226   -6.203  1.00 0.00 ? 34 CYS A CA   1 
ATOM 474 C C    . CYS A 1 34 ? 3.212   1.465   -6.981  1.00 0.00 ? 34 CYS A C    1 
ATOM 475 O O    . CYS A 1 34 ? 3.320   2.447   -7.717  1.00 0.00 ? 34 CYS A O    1 
ATOM 476 C CB   . CYS A 1 34 ? 0.901   0.588   -7.188  1.00 0.00 ? 34 CYS A CB   1 
ATOM 477 S SG   . CYS A 1 34 ? -0.881  0.383   -6.934  1.00 0.00 ? 34 CYS A SG   1 
ATOM 478 H H    . CYS A 1 34 ? 0.879   3.093   -6.086  1.00 0.00 ? 34 CYS A H    1 
ATOM 479 H HA   . CYS A 1 34 ? 2.084   0.496   -5.425  1.00 0.00 ? 34 CYS A HA   1 
ATOM 480 H HB2  . CYS A 1 34 ? 0.956   1.138   -8.112  1.00 0.00 ? 34 CYS A HB2  1 
ATOM 481 H HB3  . CYS A 1 34 ? 1.284   -0.408  -7.402  1.00 0.00 ? 34 CYS A HB3  1 
ATOM 482 N N    . MET A 1 35 ? 4.145   0.506   -6.848  1.00 0.00 ? 35 MET A N    1 
ATOM 483 C CA   . MET A 1 35 ? 5.422   0.321   -7.549  1.00 0.00 ? 35 MET A CA   1 
ATOM 484 C C    . MET A 1 35 ? 6.284   -0.679  -6.743  1.00 0.00 ? 35 MET A C    1 
ATOM 485 O O    . MET A 1 35 ? 6.274   -0.606  -5.515  1.00 0.00 ? 35 MET A O    1 
ATOM 486 C CB   . MET A 1 35 ? 6.175   1.653   -7.771  1.00 0.00 ? 35 MET A CB   1 
ATOM 487 C CG   . MET A 1 35 ? 6.426   2.440   -6.469  1.00 0.00 ? 35 MET A CG   1 
ATOM 488 S SD   . MET A 1 35 ? 7.139   4.102   -6.644  1.00 0.00 ? 35 MET A SD   1 
ATOM 489 C CE   . MET A 1 35 ? 8.712   3.705   -7.451  1.00 0.00 ? 35 MET A CE   1 
ATOM 490 H H    . MET A 1 35 ? 3.905   -0.242  -6.217  1.00 0.00 ? 35 MET A H    1 
ATOM 491 H HA   . MET A 1 35 ? 5.176   -0.109  -8.516  1.00 0.00 ? 35 MET A HA   1 
ATOM 492 H HB2  . MET A 1 35 ? 7.131   1.430   -8.246  1.00 0.00 ? 35 MET A HB2  1 
ATOM 493 H HB3  . MET A 1 35 ? 5.615   2.276   -8.468  1.00 0.00 ? 35 MET A HB3  1 
ATOM 494 H HG2  . MET A 1 35 ? 5.484   2.578   -5.938  1.00 0.00 ? 35 MET A HG2  1 
ATOM 495 H HG3  . MET A 1 35 ? 7.089   1.861   -5.828  1.00 0.00 ? 35 MET A HG3  1 
ATOM 496 H HE1  . MET A 1 35 ? 9.234   2.932   -6.887  1.00 0.00 ? 35 MET A HE1  1 
ATOM 497 H HE2  . MET A 1 35 ? 8.526   3.356   -8.466  1.00 0.00 ? 35 MET A HE2  1 
ATOM 498 H HE3  . MET A 1 35 ? 9.332   4.599   -7.492  1.00 0.00 ? 35 MET A HE3  1 
ATOM 499 N N    . PHE A 1 36 ? 7.053   -1.611  -7.345  1.00 0.00 ? 36 PHE A N    1 
ATOM 500 C CA   . PHE A 1 36 ? 7.182   -1.971  -8.761  1.00 0.00 ? 36 PHE A CA   1 
ATOM 501 C C    . PHE A 1 36 ? 6.306   -3.177  -9.177  1.00 0.00 ? 36 PHE A C    1 
ATOM 502 O O    . PHE A 1 36 ? 6.284   -3.496  -10.364 1.00 0.00 ? 36 PHE A O    1 
ATOM 503 C CB   . PHE A 1 36 ? 8.668   -2.224  -9.091  1.00 0.00 ? 36 PHE A CB   1 
ATOM 504 C CG   . PHE A 1 36 ? 9.575   -1.030  -8.828  1.00 0.00 ? 36 PHE A CG   1 
ATOM 505 C CD1  . PHE A 1 36 ? 9.500   0.106   -9.666  1.00 0.00 ? 36 PHE A CD1  1 
ATOM 506 C CD2  . PHE A 1 36 ? 10.464  -1.029  -7.728  1.00 0.00 ? 36 PHE A CD2  1 
ATOM 507 C CE1  . PHE A 1 36 ? 10.326  1.224   -9.423  1.00 0.00 ? 36 PHE A CE1  1 
ATOM 508 C CE2  . PHE A 1 36 ? 11.283  0.093   -7.480  1.00 0.00 ? 36 PHE A CE2  1 
ATOM 509 C CZ   . PHE A 1 36 ? 11.217  1.218   -8.329  1.00 0.00 ? 36 PHE A CZ   1 
ATOM 510 H H    . PHE A 1 36 ? 7.659   -2.139  -6.736  1.00 0.00 ? 36 PHE A H    1 
ATOM 511 H HA   . PHE A 1 36 ? 6.883   -1.130  -9.382  1.00 0.00 ? 36 PHE A HA   1 
ATOM 512 H HB2  . PHE A 1 36 ? 9.020   -3.092  -8.528  1.00 0.00 ? 36 PHE A HB2  1 
ATOM 513 H HB3  . PHE A 1 36 ? 8.763   -2.474  -10.151 1.00 0.00 ? 36 PHE A HB3  1 
ATOM 514 H HD1  . PHE A 1 36 ? 8.815   0.121   -10.501 1.00 0.00 ? 36 PHE A HD1  1 
ATOM 515 H HD2  . PHE A 1 36 ? 10.528  -1.889  -7.076  1.00 0.00 ? 36 PHE A HD2  1 
ATOM 516 H HE1  . PHE A 1 36 ? 10.278  2.083   -10.077 1.00 0.00 ? 36 PHE A HE1  1 
ATOM 517 H HE2  . PHE A 1 36 ? 11.969  0.088   -6.644  1.00 0.00 ? 36 PHE A HE2  1 
ATOM 518 H HZ   . PHE A 1 36 ? 11.852  2.073   -8.146  1.00 0.00 ? 36 PHE A HZ   1 
ATOM 519 N N    . PHE A 1 37 ? 5.582   -3.823  -8.243  1.00 0.00 ? 37 PHE A N    1 
ATOM 520 C CA   . PHE A 1 37 ? 4.360   -4.613  -8.485  1.00 0.00 ? 37 PHE A CA   1 
ATOM 521 C C    . PHE A 1 37 ? 3.621   -4.910  -7.162  1.00 0.00 ? 37 PHE A C    1 
ATOM 522 O O    . PHE A 1 37 ? 3.049   -5.983  -6.973  1.00 0.00 ? 37 PHE A O    1 
ATOM 523 C CB   . PHE A 1 37 ? 4.596   -5.868  -9.364  1.00 0.00 ? 37 PHE A CB   1 
ATOM 524 C CG   . PHE A 1 37 ? 3.552   -6.051  -10.465 1.00 0.00 ? 37 PHE A CG   1 
ATOM 525 C CD1  . PHE A 1 37 ? 2.216   -6.381  -10.137 1.00 0.00 ? 37 PHE A CD1  1 
ATOM 526 C CD2  . PHE A 1 37 ? 3.905   -5.858  -11.821 1.00 0.00 ? 37 PHE A CD2  1 
ATOM 527 C CE1  . PHE A 1 37 ? 1.250   -6.542  -11.154 1.00 0.00 ? 37 PHE A CE1  1 
ATOM 528 C CE2  . PHE A 1 37 ? 2.944   -6.044  -12.839 1.00 0.00 ? 37 PHE A CE2  1 
ATOM 529 C CZ   . PHE A 1 37 ? 1.617   -6.381  -12.506 1.00 0.00 ? 37 PHE A CZ   1 
ATOM 530 H H    . PHE A 1 37 ? 5.739   -3.562  -7.282  1.00 0.00 ? 37 PHE A H    1 
ATOM 531 H HA   . PHE A 1 37 ? 3.695   -3.953  -9.033  1.00 0.00 ? 37 PHE A HA   1 
ATOM 532 H HB2  . PHE A 1 37 ? 5.581   -5.826  -9.829  1.00 0.00 ? 37 PHE A HB2  1 
ATOM 533 H HB3  . PHE A 1 37 ? 4.610   -6.773  -8.753  1.00 0.00 ? 37 PHE A HB3  1 
ATOM 534 H HD1  . PHE A 1 37 ? 1.918   -6.527  -9.112  1.00 0.00 ? 37 PHE A HD1  1 
ATOM 535 H HD2  . PHE A 1 37 ? 4.913   -5.579  -12.091 1.00 0.00 ? 37 PHE A HD2  1 
ATOM 536 H HE1  . PHE A 1 37 ? 0.232   -6.799  -10.897 1.00 0.00 ? 37 PHE A HE1  1 
ATOM 537 H HE2  . PHE A 1 37 ? 3.229   -5.941  -13.876 1.00 0.00 ? 37 PHE A HE2  1 
ATOM 538 H HZ   . PHE A 1 37 ? 0.884   -6.531  -13.285 1.00 0.00 ? 37 PHE A HZ   1 
ATOM 539 N N    . LYS A 1 38 ? 3.653   -3.937  -6.242  1.00 0.00 ? 38 LYS A N    1 
ATOM 540 C CA   . LYS A 1 38 ? 3.154   -3.971  -4.871  1.00 0.00 ? 38 LYS A CA   1 
ATOM 541 C C    . LYS A 1 38 ? 2.800   -2.541  -4.451  1.00 0.00 ? 38 LYS A C    1 
ATOM 542 O O    . LYS A 1 38 ? 3.320   -1.588  -5.028  1.00 0.00 ? 38 LYS A O    1 
ATOM 543 C CB   . LYS A 1 38 ? 4.272   -4.472  -3.945  1.00 0.00 ? 38 LYS A CB   1 
ATOM 544 C CG   . LYS A 1 38 ? 4.660   -5.924  -4.242  1.00 0.00 ? 38 LYS A CG   1 
ATOM 545 C CD   . LYS A 1 38 ? 5.750   -6.390  -3.276  1.00 0.00 ? 38 LYS A CD   1 
ATOM 546 C CE   . LYS A 1 38 ? 5.896   -7.915  -3.321  1.00 0.00 ? 38 LYS A CE   1 
ATOM 547 N NZ   . LYS A 1 38 ? 6.955   -8.373  -2.410  1.00 0.00 ? 38 LYS A NZ   1 
ATOM 548 H H    . LYS A 1 38 ? 4.158   -3.098  -6.487  1.00 0.00 ? 38 LYS A H    1 
ATOM 549 H HA   . LYS A 1 38 ? 2.274   -4.615  -4.784  1.00 0.00 ? 38 LYS A HA   1 
ATOM 550 H HB2  . LYS A 1 38 ? 5.150   -3.832  -4.058  1.00 0.00 ? 38 LYS A HB2  1 
ATOM 551 H HB3  . LYS A 1 38 ? 3.935   -4.405  -2.909  1.00 0.00 ? 38 LYS A HB3  1 
ATOM 552 H HG2  . LYS A 1 38 ? 3.770   -6.548  -4.144  1.00 0.00 ? 38 LYS A HG2  1 
ATOM 553 H HG3  . LYS A 1 38 ? 5.059   -6.017  -5.251  1.00 0.00 ? 38 LYS A HG3  1 
ATOM 554 H HD2  . LYS A 1 38 ? 6.694   -5.910  -3.544  1.00 0.00 ? 38 LYS A HD2  1 
ATOM 555 H HD3  . LYS A 1 38 ? 5.486   -6.086  -2.267  1.00 0.00 ? 38 LYS A HD3  1 
ATOM 556 H HE2  . LYS A 1 38 ? 4.955   -8.376  -3.018  1.00 0.00 ? 38 LYS A HE2  1 
ATOM 557 H HE3  . LYS A 1 38 ? 6.140   -8.236  -4.334  1.00 0.00 ? 38 LYS A HE3  1 
ATOM 558 H HZ1  . LYS A 1 38 ? 6.763   -8.020  -1.484  1.00 0.00 ? 38 LYS A HZ1  1 
ATOM 559 H HZ2  . LYS A 1 38 ? 6.976   -9.382  -2.386  1.00 0.00 ? 38 LYS A HZ2  1 
ATOM 560 H HZ3  . LYS A 1 38 ? 7.847   -8.018  -2.722  1.00 0.00 ? 38 LYS A HZ3  1 
ATOM 561 N N    . CYS A 1 39 ? 1.968   -2.388  -3.411  1.00 0.00 ? 39 CYS A N    1 
ATOM 562 C CA   . CYS A 1 39 ? 1.706   -1.101  -2.782  1.00 0.00 ? 39 CYS A CA   1 
ATOM 563 C C    . CYS A 1 39 ? 2.653   -0.917  -1.603  1.00 0.00 ? 39 CYS A C    1 
ATOM 564 O O    . CYS A 1 39 ? 2.668   -1.742  -0.692  1.00 0.00 ? 39 CYS A O    1 
ATOM 565 C CB   . CYS A 1 39 ? 0.268   -0.970  -2.280  1.00 0.00 ? 39 CYS A CB   1 
ATOM 566 S SG   . CYS A 1 39 ? -0.146  0.741   -1.859  1.00 0.00 ? 39 CYS A SG   1 
ATOM 567 H H    . CYS A 1 39 ? 1.572   -3.207  -2.974  1.00 0.00 ? 39 CYS A H    1 
ATOM 568 H HA   . CYS A 1 39 ? 1.849   -0.311  -3.513  1.00 0.00 ? 39 CYS A HA   1 
ATOM 569 H HB2  . CYS A 1 39 ? -0.446  -1.360  -2.991  1.00 0.00 ? 39 CYS A HB2  1 
ATOM 570 H HB3  . CYS A 1 39 ? 0.137   -1.561  -1.384  1.00 0.00 ? 39 CYS A HB3  1 
ATOM 571 N N    . LYS A 1 40 ? 3.389   0.196   -1.598  1.00 0.00 ? 40 LYS A N    1 
ATOM 572 C CA   . LYS A 1 40 ? 4.243   0.617   -0.499  1.00 0.00 ? 40 LYS A CA   1 
ATOM 573 C C    . LYS A 1 40 ? 3.753   1.967   0.030   1.00 0.00 ? 40 LYS A C    1 
ATOM 574 O O    . LYS A 1 40 ? 3.109   2.735   -0.685  1.00 0.00 ? 40 LYS A O    1 
ATOM 575 C CB   . LYS A 1 40 ? 5.706   0.674   -0.969  1.00 0.00 ? 40 LYS A CB   1 
ATOM 576 C CG   . LYS A 1 40 ? 6.241   -0.680  -1.472  1.00 0.00 ? 40 LYS A CG   1 
ATOM 577 C CD   . LYS A 1 40 ? 6.274   -1.741  -0.362  1.00 0.00 ? 40 LYS A CD   1 
ATOM 578 C CE   . LYS A 1 40 ? 6.832   -3.074  -0.873  1.00 0.00 ? 40 LYS A CE   1 
ATOM 579 N NZ   . LYS A 1 40 ? 6.741   -4.112  0.165   1.00 0.00 ? 40 LYS A NZ   1 
ATOM 580 H H    . LYS A 1 40 ? 3.285   0.841   -2.369  1.00 0.00 ? 40 LYS A H    1 
ATOM 581 H HA   . LYS A 1 40 ? 4.166   -0.088  0.332   1.00 0.00 ? 40 LYS A HA   1 
ATOM 582 H HB2  . LYS A 1 40 ? 5.791   1.402   -1.779  1.00 0.00 ? 40 LYS A HB2  1 
ATOM 583 H HB3  . LYS A 1 40 ? 6.333   1.012   -0.142  1.00 0.00 ? 40 LYS A HB3  1 
ATOM 584 H HG2  . LYS A 1 40 ? 5.629   -1.037  -2.301  1.00 0.00 ? 40 LYS A HG2  1 
ATOM 585 H HG3  . LYS A 1 40 ? 7.256   -0.530  -1.843  1.00 0.00 ? 40 LYS A HG3  1 
ATOM 586 H HD2  . LYS A 1 40 ? 6.890   -1.384  0.466   1.00 0.00 ? 40 LYS A HD2  1 
ATOM 587 H HD3  . LYS A 1 40 ? 5.267   -1.918  0.007   1.00 0.00 ? 40 LYS A HD3  1 
ATOM 588 H HE2  . LYS A 1 40 ? 6.256   -3.406  -1.737  1.00 0.00 ? 40 LYS A HE2  1 
ATOM 589 H HE3  . LYS A 1 40 ? 7.875   -2.955  -1.165  1.00 0.00 ? 40 LYS A HE3  1 
ATOM 590 H HZ1  . LYS A 1 40 ? 5.773   -4.223  0.436   1.00 0.00 ? 40 LYS A HZ1  1 
ATOM 591 H HZ2  . LYS A 1 40 ? 7.083   -4.992  -0.197  1.00 0.00 ? 40 LYS A HZ2  1 
ATOM 592 H HZ3  . LYS A 1 40 ? 7.283   -3.842  0.974   1.00 0.00 ? 40 LYS A HZ3  1 
ATOM 593 N N    . CYS A 1 41 ? 4.054   2.232   1.307   1.00 0.00 ? 41 CYS A N    1 
ATOM 594 C CA   . CYS A 1 41 ? 3.600   3.403   2.047   1.00 0.00 ? 41 CYS A CA   1 
ATOM 595 C C    . CYS A 1 41 ? 4.778   4.091   2.740   1.00 0.00 ? 41 CYS A C    1 
ATOM 596 O O    . CYS A 1 41 ? 5.921   3.636   2.663   1.00 0.00 ? 41 CYS A O    1 
ATOM 597 C CB   . CYS A 1 41 ? 2.522   2.971   3.055   1.00 0.00 ? 41 CYS A CB   1 
ATOM 598 S SG   . CYS A 1 41 ? 1.044   2.218   2.317   1.00 0.00 ? 41 CYS A SG   1 
ATOM 599 H H    . CYS A 1 41 ? 4.614   1.562   1.814   1.00 0.00 ? 41 CYS A H    1 
ATOM 600 H HA   . CYS A 1 41 ? 3.169   4.136   1.363   1.00 0.00 ? 41 CYS A HA   1 
ATOM 601 H HB2  . CYS A 1 41 ? 2.953   2.265   3.769   1.00 0.00 ? 41 CYS A HB2  1 
ATOM 602 H HB3  . CYS A 1 41 ? 2.188   3.839   3.621   1.00 0.00 ? 41 CYS A HB3  1 
ATOM 603 N N    . ALA A 1 42 ? 4.480   5.208   3.418   1.00 0.00 ? 42 ALA A N    1 
ATOM 604 C CA   . ALA A 1 42 ? 5.440   6.057   4.109   1.00 0.00 ? 42 ALA A CA   1 
ATOM 605 C C    . ALA A 1 42 ? 5.851   5.429   5.450   1.00 0.00 ? 42 ALA A C    1 
ATOM 606 O O    . ALA A 1 42 ? 5.575   5.992   6.509   1.00 0.00 ? 42 ALA A O    1 
ATOM 607 C CB   . ALA A 1 42 ? 4.824   7.454   4.271   1.00 0.00 ? 42 ALA A CB   1 
ATOM 608 O OXT  . ALA A 1 42 ? 6.530   4.247   5.372   1.00 0.00 ? 42 ALA A OXT  1 
ATOM 609 H H    . ALA A 1 42 ? 3.514   5.502   3.438   1.00 0.00 ? 42 ALA A H    1 
ATOM 610 H HA   . ALA A 1 42 ? 6.333   6.162   3.489   1.00 0.00 ? 42 ALA A HA   1 
ATOM 611 H HB1  . ALA A 1 42 ? 4.585   7.876   3.293   1.00 0.00 ? 42 ALA A HB1  1 
ATOM 612 H HB2  . ALA A 1 42 ? 3.908   7.386   4.856   1.00 0.00 ? 42 ALA A HB2  1 
ATOM 613 H HB3  . ALA A 1 42 ? 5.527   8.115   4.778   1.00 0.00 ? 42 ALA A HB3  1 
# 
